data_5U40
#
_entry.id   5U40
#
_cell.length_a   39.340
_cell.length_b   94.750
_cell.length_c   95.790
_cell.angle_alpha   90.00
_cell.angle_beta   97.11
_cell.angle_gamma   90.00
#
_symmetry.space_group_name_H-M   'P 1 21 1'
#
loop_
_entity.id
_entity.type
_entity.pdbx_description
1 polymer 'Peroxisome proliferator-activated receptor delta'
2 non-polymer '6-[2-({benzyl[4-(furan-3-yl)benzene-1-carbonyl]amino}methyl)phenoxy]hexanoic acid'
3 non-polymer DI(HYDROXYETHYL)ETHER
4 non-polymer S-1,2-PROPANEDIOL
5 non-polymer 'heptyl beta-D-glucopyranoside'
6 water water
#
_entity_poly.entity_id   1
_entity_poly.type   'polypeptide(L)'
_entity_poly.pdbx_seq_one_letter_code
;PQVADLKAFSKHIYNAYLKNFNMTKKKARSILTGKASHTAPFVIHDIETLWQAEKGLVWKQLVNGLPPYKEISVHVFYRC
QCTTVETVRELTEFAKSIPSFSSLFLNDQVTLLKYGVHEAIFAMLASIVNKDGLLVANGSGFVTREFLRSLRKPFSDIIE
PKFEFAVKFNALELDDSDLALFIAAIILCGDRPGLMNVPRVEAIQDTILRALEFHLQANHPDAQYLFPKLLQKMADLRQL
VTEHAQMMQRIKKTETETSLHPLLQEIYKDMY
;
_entity_poly.pdbx_strand_id   A,B
#
loop_
_chem_comp.id
_chem_comp.type
_chem_comp.name
_chem_comp.formula
7UD non-polymer '6-[2-({benzyl[4-(furan-3-yl)benzene-1-carbonyl]amino}methyl)phenoxy]hexanoic acid' 'C31 H31 N O5'
B7G D-saccharide 'heptyl beta-D-glucopyranoside' 'C13 H26 O6'
PEG non-polymer DI(HYDROXYETHYL)ETHER 'C4 H10 O3'
PGO non-polymer S-1,2-PROPANEDIOL 'C3 H8 O2'
#
# COMPACT_ATOMS: atom_id res chain seq x y z
N ASP A 5 13.30 -20.17 -16.02
CA ASP A 5 12.33 -19.44 -15.22
C ASP A 5 12.94 -18.14 -14.70
N LEU A 6 14.26 -18.15 -14.51
CA LEU A 6 14.98 -16.94 -14.13
C LEU A 6 15.02 -15.98 -15.31
N LYS A 7 15.03 -16.55 -16.52
CA LYS A 7 14.92 -15.76 -17.74
C LYS A 7 13.57 -15.05 -17.80
N ALA A 8 12.51 -15.80 -17.53
CA ALA A 8 11.16 -15.27 -17.56
C ALA A 8 10.99 -14.19 -16.49
N PHE A 9 11.62 -14.43 -15.34
CA PHE A 9 11.63 -13.46 -14.25
C PHE A 9 12.27 -12.17 -14.71
N SER A 10 13.44 -12.29 -15.33
N SER A 10 13.44 -12.29 -15.34
CA SER A 10 14.21 -11.13 -15.81
CA SER A 10 14.20 -11.13 -15.79
C SER A 10 13.46 -10.40 -16.90
C SER A 10 13.50 -10.40 -16.93
N LYS A 11 12.89 -11.16 -17.85
CA LYS A 11 12.21 -10.57 -19.00
C LYS A 11 10.96 -9.82 -18.57
N HIS A 12 10.29 -10.33 -17.53
CA HIS A 12 9.09 -9.68 -17.01
C HIS A 12 9.44 -8.32 -16.41
N ILE A 13 10.56 -8.27 -15.68
CA ILE A 13 11.01 -7.01 -15.09
C ILE A 13 11.34 -6.00 -16.18
N TYR A 14 12.00 -6.48 -17.23
CA TYR A 14 12.40 -5.60 -18.33
C TYR A 14 11.17 -5.05 -19.06
N ASN A 15 10.15 -5.88 -19.22
CA ASN A 15 8.91 -5.43 -19.84
C ASN A 15 8.21 -4.39 -18.97
N ALA A 16 8.22 -4.61 -17.67
CA ALA A 16 7.63 -3.66 -16.73
C ALA A 16 8.34 -2.32 -16.79
N TYR A 17 9.65 -2.38 -16.99
CA TYR A 17 10.48 -1.18 -17.11
C TYR A 17 10.11 -0.36 -18.34
N LEU A 18 9.90 -1.05 -19.47
CA LEU A 18 9.56 -0.38 -20.72
C LEU A 18 8.15 0.18 -20.69
N LYS A 19 7.23 -0.53 -20.06
CA LYS A 19 5.83 -0.11 -20.01
C LYS A 19 5.60 1.13 -19.14
N ASN A 20 6.27 1.20 -17.99
CA ASN A 20 5.91 2.18 -16.95
C ASN A 20 6.75 3.45 -16.92
N PHE A 21 7.84 3.50 -17.67
CA PHE A 21 8.68 4.69 -17.71
C PHE A 21 8.58 5.37 -19.08
N ASN A 22 8.63 6.70 -19.06
CA ASN A 22 8.46 7.49 -20.27
C ASN A 22 9.63 7.35 -21.24
N MET A 23 10.80 7.78 -20.80
CA MET A 23 11.99 7.83 -21.64
C MET A 23 13.00 6.77 -21.26
N THR A 24 13.47 6.01 -22.25
CA THR A 24 14.53 5.03 -22.04
C THR A 24 15.88 5.73 -22.03
N LYS A 25 16.90 5.05 -21.53
CA LYS A 25 18.25 5.60 -21.57
C LYS A 25 18.68 5.77 -23.03
N LYS A 26 18.29 4.81 -23.87
CA LYS A 26 18.57 4.87 -25.31
C LYS A 26 18.15 6.21 -25.90
N LYS A 27 16.92 6.61 -25.63
CA LYS A 27 16.41 7.89 -26.10
C LYS A 27 17.21 9.05 -25.52
N ALA A 28 17.40 9.02 -24.20
CA ALA A 28 18.06 10.11 -23.48
C ALA A 28 19.45 10.42 -24.03
N ARG A 29 20.27 9.39 -24.20
CA ARG A 29 21.65 9.59 -24.64
C ARG A 29 21.72 10.05 -26.09
N SER A 30 20.74 9.66 -26.90
CA SER A 30 20.72 10.07 -28.30
C SER A 30 20.40 11.56 -28.42
N ILE A 31 19.53 12.04 -27.55
CA ILE A 31 19.20 13.46 -27.49
C ILE A 31 20.41 14.27 -27.04
N LEU A 32 21.07 13.79 -25.98
CA LEU A 32 22.21 14.50 -25.40
C LEU A 32 23.38 14.62 -26.39
N THR A 33 23.45 13.70 -27.35
CA THR A 33 24.49 13.72 -28.36
C THR A 33 24.04 14.51 -29.59
N ALA A 40 17.33 19.97 -31.50
CA ALA A 40 18.03 19.93 -30.22
C ALA A 40 17.22 20.62 -29.13
N PRO A 41 17.40 20.20 -27.87
CA PRO A 41 16.64 20.79 -26.77
C PRO A 41 16.99 22.24 -26.51
N PHE A 42 16.02 23.02 -26.05
CA PHE A 42 16.25 24.41 -25.68
C PHE A 42 17.12 24.48 -24.44
N VAL A 43 18.20 25.24 -24.51
CA VAL A 43 19.15 25.33 -23.40
C VAL A 43 18.74 26.40 -22.39
N ILE A 44 18.58 25.98 -21.14
CA ILE A 44 18.34 26.88 -20.02
C ILE A 44 19.65 27.11 -19.29
N HIS A 45 20.24 28.29 -19.46
CA HIS A 45 21.56 28.57 -18.89
C HIS A 45 21.58 29.86 -18.07
N ASP A 46 20.47 30.58 -18.07
CA ASP A 46 20.33 31.77 -17.23
C ASP A 46 18.87 32.10 -16.96
N ILE A 47 18.65 33.18 -16.22
CA ILE A 47 17.31 33.59 -15.82
C ILE A 47 16.40 33.84 -17.02
N GLU A 48 16.93 34.50 -18.05
CA GLU A 48 16.14 34.81 -19.23
C GLU A 48 15.66 33.55 -19.94
N THR A 49 16.58 32.63 -20.21
CA THR A 49 16.23 31.39 -20.91
C THR A 49 15.29 30.55 -20.04
N LEU A 50 15.45 30.61 -18.73
CA LEU A 50 14.53 29.93 -17.82
C LEU A 50 13.12 30.50 -17.98
N TRP A 51 13.03 31.82 -18.12
CA TRP A 51 11.74 32.47 -18.31
C TRP A 51 11.14 32.06 -19.66
N GLN A 52 11.96 32.07 -20.70
CA GLN A 52 11.52 31.67 -22.04
C GLN A 52 11.05 30.22 -22.05
N ALA A 53 11.75 29.36 -21.32
CA ALA A 53 11.37 27.95 -21.23
C ALA A 53 9.99 27.81 -20.59
N GLU A 54 9.75 28.56 -19.52
CA GLU A 54 8.48 28.50 -18.81
C GLU A 54 7.34 29.11 -19.62
N LYS A 55 7.68 29.99 -20.56
CA LYS A 55 6.67 30.70 -21.33
C LYS A 55 6.08 29.85 -22.46
N GLY A 56 6.85 28.91 -22.98
CA GLY A 56 6.33 28.02 -24.01
C GLY A 56 7.35 27.23 -24.79
N LEU A 57 8.61 27.66 -24.78
CA LEU A 57 9.64 26.98 -25.56
C LEU A 57 10.02 25.63 -24.94
N VAL A 58 9.53 25.37 -23.72
CA VAL A 58 9.76 24.10 -23.06
C VAL A 58 8.47 23.64 -22.37
N TRP A 59 8.08 24.36 -21.32
CA TRP A 59 6.83 24.10 -20.64
C TRP A 59 5.72 24.97 -21.23
N LEU A 62 3.60 22.26 -15.83
CA LEU A 62 2.42 22.78 -15.12
C LEU A 62 2.80 23.97 -14.25
N VAL A 63 3.25 25.06 -14.86
CA VAL A 63 3.73 26.22 -14.10
C VAL A 63 2.59 26.88 -13.34
N ASN A 64 1.39 26.87 -13.92
CA ASN A 64 0.21 27.41 -13.26
C ASN A 64 -0.20 26.55 -12.07
N GLY A 65 0.18 25.27 -12.10
CA GLY A 65 -0.16 24.33 -11.06
C GLY A 65 0.82 24.31 -9.90
N LEU A 66 1.96 24.97 -10.08
CA LEU A 66 2.97 25.04 -9.03
C LEU A 66 2.49 25.91 -7.88
N PRO A 67 3.12 25.79 -6.70
CA PRO A 67 2.79 26.69 -5.60
C PRO A 67 3.12 28.13 -5.96
N PRO A 68 2.59 29.11 -5.22
CA PRO A 68 2.81 30.52 -5.56
C PRO A 68 4.30 30.89 -5.65
N TYR A 69 4.64 31.74 -6.59
CA TYR A 69 6.02 32.13 -6.84
C TYR A 69 6.65 32.77 -5.60
N LYS A 70 7.93 32.51 -5.40
CA LYS A 70 8.68 33.09 -4.29
C LYS A 70 10.00 33.67 -4.79
N GLU A 71 10.77 32.86 -5.51
CA GLU A 71 12.02 33.31 -6.10
C GLU A 71 12.55 32.29 -7.10
N ILE A 72 13.60 32.65 -7.82
CA ILE A 72 14.14 31.81 -8.89
C ILE A 72 14.65 30.47 -8.38
N SER A 73 15.44 30.49 -7.31
CA SER A 73 16.02 29.27 -6.76
C SER A 73 14.93 28.32 -6.27
N VAL A 74 13.92 28.88 -5.62
CA VAL A 74 12.80 28.08 -5.12
C VAL A 74 11.96 27.56 -6.28
N HIS A 75 11.79 28.36 -7.32
CA HIS A 75 11.04 27.92 -8.49
C HIS A 75 11.67 26.69 -9.13
N VAL A 76 12.99 26.71 -9.28
CA VAL A 76 13.72 25.57 -9.81
C VAL A 76 13.53 24.36 -8.89
N PHE A 77 13.60 24.61 -7.57
CA PHE A 77 13.40 23.56 -6.58
C PHE A 77 12.03 22.93 -6.74
N TYR A 78 11.03 23.73 -7.09
CA TYR A 78 9.69 23.22 -7.34
C TYR A 78 9.67 22.35 -8.61
N ARG A 79 10.43 22.75 -9.62
CA ARG A 79 10.53 21.95 -10.84
C ARG A 79 11.26 20.63 -10.55
N CYS A 80 12.16 20.65 -9.57
CA CYS A 80 12.85 19.43 -9.15
C CYS A 80 11.84 18.48 -8.50
N GLN A 81 10.97 19.03 -7.65
CA GLN A 81 9.97 18.22 -6.97
C GLN A 81 8.98 17.61 -7.95
N CYS A 82 8.60 18.38 -8.97
CA CYS A 82 7.71 17.89 -10.01
C CYS A 82 8.23 16.59 -10.62
N THR A 83 9.50 16.59 -11.01
CA THR A 83 10.09 15.44 -11.67
C THR A 83 10.22 14.26 -10.72
N THR A 84 10.68 14.50 -9.50
CA THR A 84 10.89 13.39 -8.57
C THR A 84 9.55 12.76 -8.19
N VAL A 85 8.53 13.59 -7.94
CA VAL A 85 7.21 13.07 -7.59
C VAL A 85 6.65 12.26 -8.76
N GLU A 86 6.85 12.75 -9.98
CA GLU A 86 6.42 12.04 -11.17
C GLU A 86 7.16 10.70 -11.31
N THR A 87 8.45 10.71 -10.98
CA THR A 87 9.25 9.49 -11.10
C THR A 87 8.86 8.49 -10.02
N VAL A 88 8.46 8.98 -8.85
CA VAL A 88 7.98 8.11 -7.79
C VAL A 88 6.69 7.40 -8.23
N ARG A 89 5.83 8.13 -8.93
CA ARG A 89 4.60 7.54 -9.47
C ARG A 89 4.94 6.39 -10.42
N GLU A 90 5.87 6.64 -11.33
CA GLU A 90 6.25 5.65 -12.32
C GLU A 90 6.96 4.45 -11.66
N LEU A 91 7.80 4.73 -10.68
CA LEU A 91 8.52 3.68 -9.96
C LEU A 91 7.55 2.78 -9.20
N THR A 92 6.48 3.38 -8.69
CA THR A 92 5.46 2.63 -7.96
C THR A 92 4.74 1.67 -8.89
N GLU A 93 4.37 2.15 -10.07
CA GLU A 93 3.70 1.31 -11.06
C GLU A 93 4.64 0.24 -11.59
N PHE A 94 5.91 0.61 -11.78
CA PHE A 94 6.93 -0.34 -12.20
C PHE A 94 7.07 -1.47 -11.18
N ALA A 95 7.11 -1.09 -9.90
CA ALA A 95 7.24 -2.07 -8.83
C ALA A 95 6.01 -2.97 -8.76
N LYS A 96 4.84 -2.35 -8.91
CA LYS A 96 3.58 -3.09 -8.86
C LYS A 96 3.42 -4.05 -10.03
N SER A 97 4.17 -3.81 -11.11
CA SER A 97 4.11 -4.69 -12.28
C SER A 97 4.98 -5.93 -12.07
N ILE A 98 5.72 -5.95 -10.97
CA ILE A 98 6.54 -7.10 -10.60
C ILE A 98 5.74 -8.00 -9.66
N PRO A 99 5.39 -9.23 -10.10
CA PRO A 99 4.54 -10.13 -9.31
C PRO A 99 5.02 -10.34 -7.87
N SER A 100 6.32 -10.54 -7.68
CA SER A 100 6.85 -10.80 -6.35
C SER A 100 6.74 -9.58 -5.43
N PHE A 101 6.77 -8.39 -6.02
CA PHE A 101 6.57 -7.16 -5.25
C PHE A 101 5.10 -6.99 -4.88
N SER A 102 4.23 -7.31 -5.82
CA SER A 102 2.78 -7.14 -5.62
C SER A 102 2.22 -8.16 -4.63
N SER A 103 2.94 -9.25 -4.43
CA SER A 103 2.52 -10.30 -3.50
C SER A 103 2.86 -9.96 -2.06
N LEU A 104 3.65 -8.90 -1.87
CA LEU A 104 3.97 -8.41 -0.54
C LEU A 104 2.76 -7.68 0.02
N PHE A 105 2.63 -7.69 1.35
CA PHE A 105 1.58 -6.91 1.99
C PHE A 105 1.78 -5.44 1.66
N LEU A 106 0.68 -4.70 1.58
CA LEU A 106 0.72 -3.33 1.08
C LEU A 106 1.63 -2.43 1.91
N ASN A 107 1.71 -2.67 3.21
CA ASN A 107 2.54 -1.84 4.07
C ASN A 107 4.03 -2.06 3.80
N ASP A 108 4.41 -3.29 3.45
CA ASP A 108 5.79 -3.57 3.07
C ASP A 108 6.13 -2.90 1.75
N GLN A 109 5.18 -2.90 0.81
CA GLN A 109 5.37 -2.23 -0.47
C GLN A 109 5.70 -0.76 -0.25
N VAL A 110 4.95 -0.13 0.66
CA VAL A 110 5.14 1.29 0.96
C VAL A 110 6.48 1.53 1.63
N THR A 111 6.90 0.63 2.50
CA THR A 111 8.18 0.76 3.19
C THR A 111 9.33 0.70 2.18
N LEU A 112 9.27 -0.24 1.26
CA LEU A 112 10.32 -0.39 0.25
C LEU A 112 10.38 0.82 -0.66
N LEU A 113 9.22 1.35 -1.04
CA LEU A 113 9.17 2.51 -1.90
C LEU A 113 9.69 3.74 -1.15
N LYS A 114 9.22 3.93 0.08
CA LYS A 114 9.61 5.09 0.88
C LYS A 114 11.13 5.24 0.96
N TYR A 115 11.82 4.14 1.23
CA TYR A 115 13.25 4.17 1.47
C TYR A 115 14.07 3.84 0.22
N GLY A 116 13.38 3.47 -0.86
CA GLY A 116 14.05 3.04 -2.09
C GLY A 116 13.96 3.97 -3.28
N VAL A 117 12.91 4.79 -3.36
CA VAL A 117 12.66 5.56 -4.59
C VAL A 117 13.76 6.57 -4.91
N HIS A 118 14.29 7.25 -3.90
CA HIS A 118 15.31 8.26 -4.16
C HIS A 118 16.61 7.64 -4.63
N GLU A 119 16.95 6.46 -4.07
CA GLU A 119 18.10 5.73 -4.58
C GLU A 119 17.88 5.38 -6.04
N ALA A 120 16.67 4.91 -6.35
CA ALA A 120 16.32 4.51 -7.71
C ALA A 120 16.30 5.71 -8.66
N ILE A 121 15.79 6.83 -8.20
CA ILE A 121 15.69 8.04 -9.02
C ILE A 121 17.08 8.52 -9.44
N PHE A 122 17.99 8.62 -8.47
CA PHE A 122 19.31 9.15 -8.74
C PHE A 122 20.13 8.24 -9.65
N ALA A 123 19.85 6.94 -9.60
CA ALA A 123 20.52 5.99 -10.47
C ALA A 123 19.90 6.04 -11.88
N MET A 124 18.59 5.96 -11.92
CA MET A 124 17.84 5.88 -13.17
C MET A 124 17.96 7.15 -13.99
N LEU A 125 17.84 8.30 -13.34
CA LEU A 125 17.87 9.57 -14.04
C LEU A 125 19.30 10.05 -14.30
N ALA A 126 20.29 9.25 -13.91
CA ALA A 126 21.67 9.51 -14.30
C ALA A 126 21.76 9.53 -15.82
N SER A 127 20.87 8.77 -16.46
CA SER A 127 20.83 8.65 -17.92
C SER A 127 20.64 9.99 -18.63
N ILE A 128 19.87 10.89 -18.01
CA ILE A 128 19.55 12.16 -18.64
C ILE A 128 20.56 13.25 -18.27
N VAL A 129 21.70 12.83 -17.73
CA VAL A 129 22.73 13.74 -17.24
C VAL A 129 24.05 13.54 -17.99
N ASN A 130 24.72 14.63 -18.32
CA ASN A 130 26.13 14.61 -18.67
C ASN A 130 26.85 15.65 -17.81
N LYS A 131 28.12 15.88 -18.09
CA LYS A 131 28.92 16.76 -17.24
C LYS A 131 28.49 18.22 -17.37
N ASP A 132 27.75 18.55 -18.42
CA ASP A 132 27.38 19.93 -18.71
C ASP A 132 25.99 20.31 -18.21
N GLY A 133 25.14 19.31 -17.94
CA GLY A 133 23.80 19.58 -17.49
C GLY A 133 22.90 18.36 -17.62
N LEU A 134 21.59 18.59 -17.62
CA LEU A 134 20.63 17.50 -17.74
C LEU A 134 19.38 17.90 -18.53
N LEU A 135 18.71 16.89 -19.07
CA LEU A 135 17.46 17.10 -19.80
C LEU A 135 16.32 17.42 -18.85
N VAL A 136 15.40 18.25 -19.31
CA VAL A 136 14.18 18.55 -18.57
C VAL A 136 13.00 18.58 -19.53
N ALA A 137 11.79 18.55 -18.97
CA ALA A 137 10.56 18.63 -19.75
C ALA A 137 10.50 17.59 -20.85
N ASN A 138 10.71 16.32 -20.47
CA ASN A 138 10.63 15.21 -21.40
C ASN A 138 11.63 15.33 -22.55
N GLY A 139 12.73 16.02 -22.31
CA GLY A 139 13.81 16.12 -23.28
C GLY A 139 13.71 17.34 -24.19
N SER A 140 12.72 18.19 -23.95
CA SER A 140 12.55 19.41 -24.74
C SER A 140 13.54 20.49 -24.33
N GLY A 141 14.03 20.39 -23.09
CA GLY A 141 14.95 21.36 -22.54
C GLY A 141 16.21 20.73 -21.98
N PHE A 142 17.24 21.56 -21.83
CA PHE A 142 18.50 21.13 -21.25
C PHE A 142 19.03 22.21 -20.32
N VAL A 143 19.02 21.92 -19.01
CA VAL A 143 19.46 22.88 -18.01
C VAL A 143 20.94 22.65 -17.70
N THR A 144 21.73 23.70 -17.79
CA THR A 144 23.17 23.58 -17.60
C THR A 144 23.53 23.40 -16.13
N ARG A 145 24.60 22.64 -15.90
CA ARG A 145 25.14 22.42 -14.57
C ARG A 145 25.61 23.74 -13.96
N GLU A 146 26.17 24.60 -14.80
CA GLU A 146 26.65 25.91 -14.38
C GLU A 146 25.52 26.77 -13.82
N PHE A 147 24.36 26.73 -14.46
CA PHE A 147 23.21 27.49 -14.00
C PHE A 147 22.71 26.99 -12.65
N LEU A 148 22.67 25.67 -12.48
CA LEU A 148 22.21 25.08 -11.23
C LEU A 148 23.18 25.37 -10.08
N ARG A 149 24.48 25.40 -10.39
CA ARG A 149 25.48 25.78 -9.41
C ARG A 149 25.33 27.24 -8.99
N SER A 150 24.80 28.06 -9.87
CA SER A 150 24.70 29.50 -9.64
C SER A 150 23.54 29.86 -8.72
N LEU A 151 22.66 28.89 -8.46
CA LEU A 151 21.56 29.12 -7.52
C LEU A 151 22.14 29.32 -6.13
N ARG A 152 21.37 29.95 -5.25
CA ARG A 152 21.86 30.22 -3.90
C ARG A 152 21.80 28.96 -3.06
N LYS A 153 22.62 28.92 -2.02
CA LYS A 153 22.54 27.84 -1.04
C LYS A 153 21.19 27.92 -0.33
N PRO A 154 20.64 26.77 0.09
CA PRO A 154 21.18 25.41 -0.01
C PRO A 154 20.79 24.67 -1.29
N PHE A 155 20.20 25.38 -2.25
CA PHE A 155 19.66 24.72 -3.44
C PHE A 155 20.75 24.26 -4.40
N SER A 156 21.86 24.98 -4.45
CA SER A 156 22.99 24.57 -5.28
C SER A 156 23.72 23.38 -4.66
N ASP A 157 23.68 23.28 -3.34
CA ASP A 157 24.38 22.23 -2.61
C ASP A 157 23.70 20.87 -2.75
N ILE A 158 22.38 20.88 -2.89
CA ILE A 158 21.62 19.65 -2.96
C ILE A 158 21.63 19.07 -4.38
N ILE A 159 22.08 19.87 -5.33
CA ILE A 159 22.07 19.48 -6.74
C ILE A 159 23.42 18.90 -7.19
N GLU A 160 24.51 19.56 -6.83
CA GLU A 160 25.83 19.21 -7.36
C GLU A 160 26.25 17.75 -7.11
N PRO A 161 25.97 17.20 -5.93
CA PRO A 161 26.40 15.82 -5.66
C PRO A 161 25.81 14.79 -6.63
N LYS A 162 24.63 15.08 -7.18
CA LYS A 162 23.96 14.16 -8.10
C LYS A 162 24.68 14.10 -9.44
N PHE A 163 25.29 15.21 -9.84
CA PHE A 163 26.06 15.26 -11.08
C PHE A 163 27.31 14.40 -10.96
N GLU A 164 28.00 14.53 -9.83
CA GLU A 164 29.22 13.78 -9.59
C GLU A 164 28.94 12.28 -9.66
N PHE A 165 27.86 11.85 -9.04
CA PHE A 165 27.46 10.45 -9.08
C PHE A 165 27.06 10.03 -10.49
N ALA A 166 26.23 10.84 -11.13
CA ALA A 166 25.66 10.50 -12.43
C ALA A 166 26.72 10.25 -13.49
N VAL A 167 27.72 11.13 -13.57
CA VAL A 167 28.77 11.00 -14.58
C VAL A 167 29.61 9.76 -14.32
N LYS A 168 29.89 9.48 -13.04
N LYS A 168 29.89 9.48 -13.04
CA LYS A 168 30.63 8.29 -12.67
CA LYS A 168 30.64 8.29 -12.68
C LYS A 168 29.82 7.03 -12.97
C LYS A 168 29.82 7.03 -12.96
N PHE A 169 28.51 7.13 -12.77
CA PHE A 169 27.61 6.00 -12.99
C PHE A 169 27.44 5.72 -14.49
N ASN A 170 27.30 6.77 -15.29
CA ASN A 170 27.14 6.63 -16.73
C ASN A 170 28.39 6.05 -17.40
N ALA A 171 29.52 6.10 -16.70
CA ALA A 171 30.77 5.58 -17.24
C ALA A 171 30.75 4.06 -17.33
N LEU A 172 29.88 3.42 -16.55
CA LEU A 172 29.72 1.96 -16.60
C LEU A 172 28.98 1.53 -17.85
N GLU A 173 28.32 2.49 -18.50
CA GLU A 173 27.65 2.27 -19.78
C GLU A 173 26.64 1.13 -19.73
N LEU A 174 25.76 1.17 -18.74
CA LEU A 174 24.63 0.24 -18.67
C LEU A 174 23.61 0.60 -19.74
N ASP A 175 22.91 -0.40 -20.26
CA ASP A 175 21.77 -0.15 -21.13
C ASP A 175 20.48 -0.33 -20.34
N ASP A 176 19.35 -0.16 -21.00
CA ASP A 176 18.06 -0.18 -20.32
C ASP A 176 17.76 -1.54 -19.67
N SER A 177 18.23 -2.62 -20.29
CA SER A 177 17.99 -3.95 -19.74
C SER A 177 18.74 -4.13 -18.42
N ASP A 178 19.97 -3.61 -18.37
CA ASP A 178 20.75 -3.64 -17.14
C ASP A 178 20.05 -2.85 -16.04
N LEU A 179 19.63 -1.64 -16.38
CA LEU A 179 19.02 -0.72 -15.43
C LEU A 179 17.74 -1.30 -14.83
N ALA A 180 16.93 -1.94 -15.65
CA ALA A 180 15.66 -2.50 -15.19
C ALA A 180 15.87 -3.43 -14.00
N LEU A 181 16.86 -4.32 -14.11
CA LEU A 181 17.16 -5.24 -13.02
C LEU A 181 17.82 -4.50 -11.86
N PHE A 182 18.66 -3.51 -12.18
CA PHE A 182 19.37 -2.74 -11.17
C PHE A 182 18.40 -1.96 -10.30
N ILE A 183 17.43 -1.30 -10.93
CA ILE A 183 16.43 -0.54 -10.19
C ILE A 183 15.57 -1.48 -9.34
N ALA A 184 15.21 -2.63 -9.90
CA ALA A 184 14.44 -3.62 -9.16
C ALA A 184 15.17 -4.04 -7.89
N ALA A 185 16.49 -4.19 -8.00
CA ALA A 185 17.31 -4.59 -6.85
C ALA A 185 17.28 -3.54 -5.76
N ILE A 186 17.29 -2.27 -6.17
CA ILE A 186 17.27 -1.15 -5.23
C ILE A 186 15.96 -1.12 -4.45
N ILE A 187 14.84 -1.26 -5.15
CA ILE A 187 13.52 -1.21 -4.50
C ILE A 187 13.35 -2.40 -3.56
N LEU A 188 13.60 -3.60 -4.07
CA LEU A 188 13.45 -4.80 -3.27
C LEU A 188 14.70 -5.04 -2.43
N CYS A 189 14.80 -4.29 -1.34
CA CYS A 189 15.94 -4.32 -0.44
C CYS A 189 15.50 -4.71 0.97
N GLY A 190 16.12 -5.74 1.52
CA GLY A 190 15.74 -6.26 2.82
C GLY A 190 16.21 -5.42 4.00
N ASP A 191 16.98 -4.38 3.72
CA ASP A 191 17.59 -3.57 4.77
C ASP A 191 16.73 -2.39 5.21
N ARG A 192 15.61 -2.15 4.53
CA ARG A 192 14.80 -0.97 4.84
C ARG A 192 14.23 -1.04 6.25
N PRO A 193 14.25 0.08 6.99
CA PRO A 193 13.75 0.03 8.37
C PRO A 193 12.26 -0.24 8.46
N GLY A 194 11.86 -1.06 9.42
CA GLY A 194 10.45 -1.31 9.69
C GLY A 194 9.79 -2.32 8.77
N LEU A 195 10.60 -3.05 8.00
CA LEU A 195 10.05 -4.10 7.14
C LEU A 195 9.41 -5.20 7.98
N MET A 196 8.29 -5.73 7.49
CA MET A 196 7.53 -6.74 8.20
C MET A 196 8.07 -8.14 7.88
N ASN A 197 8.11 -8.47 6.60
CA ASN A 197 8.57 -9.78 6.14
C ASN A 197 9.95 -9.68 5.50
N VAL A 198 10.99 -9.55 6.34
CA VAL A 198 12.35 -9.38 5.85
C VAL A 198 12.85 -10.58 5.05
N PRO A 199 12.64 -11.81 5.55
CA PRO A 199 13.17 -12.98 4.84
C PRO A 199 12.63 -13.10 3.41
N ARG A 200 11.36 -12.79 3.24
CA ARG A 200 10.74 -12.81 1.91
C ARG A 200 11.38 -11.79 0.99
N VAL A 201 11.55 -10.56 1.47
CA VAL A 201 12.15 -9.50 0.68
C VAL A 201 13.61 -9.80 0.36
N GLU A 202 14.35 -10.27 1.37
CA GLU A 202 15.74 -10.66 1.18
C GLU A 202 15.87 -11.73 0.09
N ALA A 203 14.91 -12.65 0.08
CA ALA A 203 14.92 -13.75 -0.89
C ALA A 203 14.64 -13.23 -2.29
N ILE A 204 13.74 -12.26 -2.40
CA ILE A 204 13.43 -11.65 -3.69
C ILE A 204 14.64 -10.87 -4.19
N GLN A 205 15.27 -10.12 -3.29
CA GLN A 205 16.44 -9.34 -3.64
C GLN A 205 17.55 -10.22 -4.18
N ASP A 206 17.76 -11.35 -3.51
CA ASP A 206 18.81 -12.28 -3.91
C ASP A 206 18.54 -12.82 -5.32
N THR A 207 17.28 -13.14 -5.59
CA THR A 207 16.89 -13.62 -6.90
C THR A 207 17.15 -12.58 -8.00
N ILE A 208 16.85 -11.32 -7.72
CA ILE A 208 17.06 -10.25 -8.70
C ILE A 208 18.55 -10.03 -8.92
N LEU A 209 19.32 -10.08 -7.85
CA LEU A 209 20.77 -9.91 -7.96
C LEU A 209 21.39 -11.05 -8.76
N ARG A 210 20.88 -12.26 -8.57
CA ARG A 210 21.31 -13.41 -9.37
C ARG A 210 20.96 -13.19 -10.84
N ALA A 211 19.74 -12.74 -11.08
CA ALA A 211 19.28 -12.44 -12.44
C ALA A 211 20.15 -11.36 -13.08
N LEU A 212 20.50 -10.35 -12.29
CA LEU A 212 21.34 -9.26 -12.77
C LEU A 212 22.72 -9.75 -13.19
N GLU A 213 23.36 -10.53 -12.31
CA GLU A 213 24.68 -11.06 -12.64
C GLU A 213 24.64 -11.92 -13.89
N PHE A 214 23.62 -12.76 -13.98
CA PHE A 214 23.42 -13.62 -15.14
C PHE A 214 23.22 -12.78 -16.40
N HIS A 215 22.41 -11.73 -16.28
CA HIS A 215 22.15 -10.84 -17.39
C HIS A 215 23.42 -10.12 -17.85
N LEU A 216 24.20 -9.62 -16.90
CA LEU A 216 25.41 -8.86 -17.20
C LEU A 216 26.45 -9.73 -17.90
N GLN A 217 26.49 -11.03 -17.55
CA GLN A 217 27.41 -11.96 -18.18
C GLN A 217 27.15 -12.04 -19.68
N ALA A 218 25.88 -12.13 -20.05
CA ALA A 218 25.50 -12.26 -21.45
C ALA A 218 25.58 -10.93 -22.19
N ASN A 219 25.10 -9.88 -21.54
CA ASN A 219 25.00 -8.57 -22.18
C ASN A 219 26.33 -7.81 -22.23
N HIS A 220 27.20 -8.08 -21.26
CA HIS A 220 28.52 -7.45 -21.21
C HIS A 220 29.61 -8.49 -21.00
N PRO A 221 29.84 -9.37 -21.99
CA PRO A 221 30.78 -10.49 -21.85
C PRO A 221 32.20 -10.07 -21.47
N ASP A 222 32.66 -8.94 -21.99
CA ASP A 222 34.03 -8.50 -21.76
C ASP A 222 34.15 -7.63 -20.51
N ALA A 223 33.02 -7.14 -20.02
CA ALA A 223 33.02 -6.25 -18.85
C ALA A 223 33.35 -7.02 -17.58
N GLN A 224 34.58 -6.87 -17.12
CA GLN A 224 35.03 -7.50 -15.87
C GLN A 224 34.66 -6.62 -14.68
N TYR A 225 34.41 -7.27 -13.54
CA TYR A 225 34.15 -6.58 -12.28
C TYR A 225 32.92 -5.68 -12.33
N LEU A 226 32.09 -5.85 -13.35
CA LEU A 226 30.95 -4.96 -13.54
C LEU A 226 29.88 -5.18 -12.47
N PHE A 227 29.62 -6.44 -12.13
CA PHE A 227 28.62 -6.75 -11.11
C PHE A 227 29.07 -6.23 -9.74
N PRO A 228 30.30 -6.54 -9.31
CA PRO A 228 30.75 -5.96 -8.04
C PRO A 228 30.84 -4.44 -8.07
N LYS A 229 31.10 -3.87 -9.25
CA LYS A 229 31.11 -2.42 -9.39
C LYS A 229 29.73 -1.83 -9.11
N LEU A 230 28.69 -2.54 -9.57
CA LEU A 230 27.33 -2.09 -9.37
C LEU A 230 26.88 -2.23 -7.92
N LEU A 231 27.37 -3.27 -7.25
CA LEU A 231 27.07 -3.44 -5.83
C LEU A 231 27.64 -2.25 -5.04
N GLN A 232 28.80 -1.78 -5.45
CA GLN A 232 29.43 -0.63 -4.83
C GLN A 232 28.63 0.65 -5.10
N LYS A 233 28.01 0.75 -6.28
CA LYS A 233 27.19 1.90 -6.61
C LYS A 233 25.94 1.94 -5.75
N MET A 234 25.42 0.76 -5.39
CA MET A 234 24.28 0.67 -4.51
C MET A 234 24.65 1.23 -3.14
N ALA A 235 25.85 0.91 -2.67
CA ALA A 235 26.36 1.45 -1.43
C ALA A 235 26.51 2.96 -1.53
N ASP A 236 27.04 3.42 -2.66
CA ASP A 236 27.23 4.84 -2.91
C ASP A 236 25.89 5.57 -2.89
N LEU A 237 24.87 4.94 -3.47
CA LEU A 237 23.53 5.51 -3.53
C LEU A 237 22.94 5.69 -2.13
N ARG A 238 23.21 4.75 -1.23
CA ARG A 238 22.73 4.87 0.14
C ARG A 238 23.32 6.09 0.81
N GLN A 239 24.60 6.35 0.52
CA GLN A 239 25.29 7.50 1.07
C GLN A 239 24.79 8.79 0.44
N LEU A 240 24.56 8.75 -0.86
CA LEU A 240 24.07 9.91 -1.59
C LEU A 240 22.70 10.34 -1.05
N VAL A 241 21.80 9.37 -0.88
CA VAL A 241 20.46 9.64 -0.40
C VAL A 241 20.45 10.09 1.06
N THR A 242 21.33 9.53 1.87
CA THR A 242 21.43 9.95 3.27
C THR A 242 21.81 11.42 3.35
N GLU A 243 22.82 11.81 2.58
CA GLU A 243 23.24 13.21 2.52
C GLU A 243 22.12 14.08 1.96
N HIS A 244 21.43 13.58 0.94
CA HIS A 244 20.31 14.31 0.35
C HIS A 244 19.20 14.53 1.37
N ALA A 245 18.92 13.49 2.17
CA ALA A 245 17.89 13.57 3.19
C ALA A 245 18.25 14.61 4.25
N GLN A 246 19.53 14.69 4.58
CA GLN A 246 20.00 15.68 5.55
C GLN A 246 19.80 17.10 5.04
N MET A 247 20.06 17.31 3.76
CA MET A 247 19.93 18.63 3.17
C MET A 247 18.46 19.03 3.03
N MET A 248 17.59 18.06 2.79
CA MET A 248 16.16 18.32 2.72
C MET A 248 15.61 18.69 4.10
N GLN A 249 16.22 18.14 5.15
CA GLN A 249 15.84 18.49 6.51
C GLN A 249 16.22 19.93 6.82
N ARG A 250 17.37 20.36 6.30
CA ARG A 250 17.81 21.74 6.47
C ARG A 250 16.84 22.71 5.78
N ILE A 251 16.39 22.34 4.58
CA ILE A 251 15.46 23.16 3.82
C ILE A 251 14.11 23.22 4.54
N LYS A 252 13.68 22.08 5.08
CA LYS A 252 12.42 22.00 5.82
C LYS A 252 12.40 22.94 7.02
N LYS A 253 13.58 23.19 7.60
CA LYS A 253 13.67 23.95 8.84
C LYS A 253 14.07 25.42 8.62
N THR A 254 14.84 25.69 7.57
CA THR A 254 15.41 27.02 7.37
C THR A 254 14.78 27.79 6.20
N GLU A 255 14.09 27.08 5.31
CA GLU A 255 13.43 27.71 4.16
C GLU A 255 11.92 27.67 4.33
N THR A 256 11.42 28.48 5.26
CA THR A 256 10.00 28.47 5.63
C THR A 256 9.07 28.78 4.46
N GLU A 257 9.50 29.66 3.57
CA GLU A 257 8.69 30.06 2.42
C GLU A 257 8.69 28.99 1.32
N THR A 258 9.57 28.00 1.46
CA THR A 258 9.67 26.92 0.49
C THR A 258 8.78 25.76 0.91
N SER A 259 7.78 25.45 0.08
CA SER A 259 6.83 24.39 0.37
C SER A 259 7.35 23.05 -0.17
N LEU A 260 6.80 21.97 0.36
CA LEU A 260 7.19 20.62 -0.03
C LEU A 260 5.96 19.82 -0.40
N HIS A 261 6.01 19.14 -1.54
CA HIS A 261 4.91 18.29 -1.98
C HIS A 261 4.54 17.30 -0.88
N PRO A 262 3.23 17.12 -0.61
CA PRO A 262 2.79 16.23 0.48
C PRO A 262 3.41 14.84 0.44
N LEU A 263 3.57 14.27 -0.75
CA LEU A 263 4.16 12.95 -0.87
C LEU A 263 5.60 12.94 -0.37
N LEU A 264 6.34 14.00 -0.69
CA LEU A 264 7.73 14.10 -0.24
C LEU A 264 7.80 14.40 1.25
N GLN A 265 6.80 15.11 1.77
CA GLN A 265 6.72 15.33 3.20
C GLN A 265 6.63 14.00 3.94
N GLU A 266 5.84 13.08 3.40
CA GLU A 266 5.67 11.76 4.01
C GLU A 266 6.95 10.93 3.93
N ILE A 267 7.69 11.08 2.84
CA ILE A 267 8.94 10.34 2.66
C ILE A 267 10.00 10.82 3.64
N TYR A 268 10.05 12.13 3.88
CA TYR A 268 11.05 12.72 4.78
C TYR A 268 10.50 12.93 6.19
N LYS A 269 9.35 12.33 6.48
CA LYS A 269 8.74 12.44 7.80
C LYS A 269 9.53 11.61 8.82
N ASP B 5 -24.60 7.99 -13.03
CA ASP B 5 -23.21 7.68 -12.72
C ASP B 5 -23.09 7.02 -11.34
N LEU B 6 -24.04 7.32 -10.46
CA LEU B 6 -24.09 6.68 -9.14
C LEU B 6 -24.30 5.18 -9.28
N LYS B 7 -25.19 4.79 -10.17
CA LYS B 7 -25.47 3.38 -10.42
C LYS B 7 -24.21 2.66 -10.89
N ALA B 8 -23.50 3.28 -11.83
CA ALA B 8 -22.25 2.73 -12.34
C ALA B 8 -21.23 2.61 -11.22
N PHE B 9 -21.18 3.65 -10.39
CA PHE B 9 -20.29 3.69 -9.25
C PHE B 9 -20.66 2.61 -8.24
N SER B 10 -21.96 2.47 -8.00
N SER B 10 -21.96 2.45 -8.00
CA SER B 10 -22.47 1.49 -7.04
CA SER B 10 -22.46 1.49 -7.03
C SER B 10 -22.24 0.07 -7.54
C SER B 10 -22.29 0.05 -7.52
N LYS B 11 -22.58 -0.18 -8.80
CA LYS B 11 -22.47 -1.52 -9.37
C LYS B 11 -21.02 -1.98 -9.38
N HIS B 12 -20.10 -1.06 -9.60
CA HIS B 12 -18.67 -1.39 -9.64
C HIS B 12 -18.18 -1.83 -8.26
N ILE B 13 -18.67 -1.16 -7.22
CA ILE B 13 -18.32 -1.51 -5.85
C ILE B 13 -18.88 -2.89 -5.50
N TYR B 14 -20.11 -3.16 -5.93
CA TYR B 14 -20.74 -4.45 -5.65
C TYR B 14 -20.00 -5.57 -6.36
N ASN B 15 -19.51 -5.29 -7.56
CA ASN B 15 -18.74 -6.27 -8.31
C ASN B 15 -17.41 -6.58 -7.62
N ALA B 16 -16.76 -5.54 -7.09
CA ALA B 16 -15.51 -5.71 -6.35
C ALA B 16 -15.74 -6.55 -5.11
N TYR B 17 -16.91 -6.38 -4.51
CA TYR B 17 -17.33 -7.13 -3.34
C TYR B 17 -17.51 -8.61 -3.67
N LEU B 18 -18.27 -8.89 -4.73
CA LEU B 18 -18.57 -10.26 -5.13
C LEU B 18 -17.32 -11.01 -5.60
N LYS B 19 -16.35 -10.26 -6.12
CA LYS B 19 -15.15 -10.84 -6.70
C LYS B 19 -14.09 -11.22 -5.65
N ASN B 20 -14.12 -10.57 -4.50
CA ASN B 20 -12.97 -10.64 -3.58
C ASN B 20 -13.22 -11.31 -2.23
N PHE B 21 -14.46 -11.35 -1.77
CA PHE B 21 -14.74 -11.89 -0.44
C PHE B 21 -15.10 -13.38 -0.48
N ASN B 22 -14.55 -14.12 0.46
CA ASN B 22 -14.68 -15.57 0.51
C ASN B 22 -16.12 -16.05 0.69
N MET B 23 -16.89 -15.31 1.49
CA MET B 23 -18.28 -15.66 1.74
C MET B 23 -19.17 -14.44 1.70
N THR B 24 -20.38 -14.62 1.19
CA THR B 24 -21.40 -13.57 1.16
C THR B 24 -22.33 -13.71 2.36
N LYS B 25 -23.07 -12.66 2.68
CA LYS B 25 -24.06 -12.75 3.74
C LYS B 25 -25.15 -13.72 3.34
N LYS B 26 -25.48 -13.74 2.06
CA LYS B 26 -26.48 -14.66 1.53
C LYS B 26 -26.07 -16.10 1.83
N LYS B 27 -24.82 -16.44 1.52
CA LYS B 27 -24.29 -17.76 1.81
C LYS B 27 -24.27 -18.03 3.32
N ALA B 28 -23.76 -17.07 4.08
CA ALA B 28 -23.64 -17.23 5.53
C ALA B 28 -25.00 -17.47 6.18
N ARG B 29 -26.00 -16.71 5.77
CA ARG B 29 -27.33 -16.81 6.35
C ARG B 29 -27.99 -18.15 6.01
N SER B 30 -27.76 -18.64 4.80
CA SER B 30 -28.36 -19.90 4.37
C SER B 30 -27.78 -21.06 5.17
N ILE B 31 -26.50 -20.97 5.52
CA ILE B 31 -25.86 -22.00 6.34
C ILE B 31 -26.44 -21.98 7.75
N LEU B 32 -26.51 -20.78 8.34
CA LEU B 32 -27.00 -20.65 9.71
C LEU B 32 -28.44 -21.15 9.86
N THR B 33 -29.23 -21.02 8.80
CA THR B 33 -30.64 -21.45 8.83
C THR B 33 -30.80 -22.89 8.34
N GLY B 34 -29.73 -23.47 7.81
CA GLY B 34 -29.76 -24.85 7.35
C GLY B 34 -30.47 -25.02 6.03
N LYS B 35 -30.07 -24.24 5.03
CA LYS B 35 -30.66 -24.31 3.70
C LYS B 35 -29.58 -24.34 2.63
N ALA B 36 -28.33 -24.21 3.06
CA ALA B 36 -27.19 -24.17 2.13
C ALA B 36 -26.85 -25.55 1.58
N SER B 37 -26.90 -26.56 2.45
CA SER B 37 -26.57 -27.92 2.06
C SER B 37 -27.30 -28.94 2.92
N HIS B 38 -27.12 -30.21 2.59
CA HIS B 38 -27.66 -31.30 3.41
C HIS B 38 -26.69 -31.65 4.53
N THR B 39 -25.57 -30.92 4.60
CA THR B 39 -24.57 -31.12 5.64
C THR B 39 -24.53 -29.90 6.57
N ALA B 40 -24.84 -30.13 7.83
CA ALA B 40 -24.84 -29.06 8.83
C ALA B 40 -23.42 -28.78 9.32
N PRO B 41 -23.18 -27.54 9.78
CA PRO B 41 -21.86 -27.22 10.34
C PRO B 41 -21.60 -27.97 11.66
N PHE B 42 -20.37 -28.43 11.83
CA PHE B 42 -19.99 -29.14 13.05
C PHE B 42 -19.91 -28.17 14.22
N VAL B 43 -20.67 -28.45 15.28
CA VAL B 43 -20.78 -27.54 16.41
C VAL B 43 -19.64 -27.71 17.40
N ILE B 44 -18.90 -26.62 17.62
CA ILE B 44 -17.84 -26.57 18.62
C ILE B 44 -18.39 -25.89 19.88
N HIS B 45 -18.52 -26.65 20.97
CA HIS B 45 -19.08 -26.10 22.20
C HIS B 45 -18.23 -26.43 23.44
N ASP B 46 -17.17 -27.19 23.26
CA ASP B 46 -16.24 -27.46 24.36
C ASP B 46 -14.88 -27.91 23.82
N ILE B 47 -13.99 -28.29 24.73
CA ILE B 47 -12.62 -28.68 24.38
C ILE B 47 -12.60 -29.89 23.44
N GLU B 48 -13.42 -30.89 23.75
CA GLU B 48 -13.43 -32.11 22.96
C GLU B 48 -13.84 -31.83 21.51
N THR B 49 -14.96 -31.13 21.34
CA THR B 49 -15.45 -30.81 20.01
C THR B 49 -14.45 -29.90 19.28
N LEU B 50 -13.81 -29.01 20.03
CA LEU B 50 -12.76 -28.16 19.48
C LEU B 50 -11.63 -29.02 18.94
N TRP B 51 -11.22 -30.02 19.72
CA TRP B 51 -10.17 -30.94 19.29
C TRP B 51 -10.63 -31.74 18.08
N GLN B 52 -11.87 -32.20 18.11
CA GLN B 52 -12.45 -32.93 16.98
C GLN B 52 -12.46 -32.08 15.70
N ALA B 53 -12.60 -30.76 15.86
CA ALA B 53 -12.67 -29.87 14.71
C ALA B 53 -11.28 -29.68 14.08
N GLU B 54 -10.26 -29.61 14.92
N GLU B 54 -10.26 -29.58 14.92
CA GLU B 54 -8.90 -29.38 14.46
CA GLU B 54 -8.90 -29.37 14.46
C GLU B 54 -8.28 -30.62 13.79
C GLU B 54 -8.27 -30.65 13.91
N LYS B 55 -8.70 -31.80 14.22
N LYS B 55 -8.95 -31.77 14.09
CA LYS B 55 -8.11 -33.05 13.76
CA LYS B 55 -8.39 -33.07 13.68
C LYS B 55 -8.17 -33.26 12.24
C LYS B 55 -8.34 -33.32 12.17
N GLY B 56 -9.35 -33.19 11.62
N GLY B 56 -9.47 -33.21 11.45
CA GLY B 56 -10.61 -32.95 12.29
CA GLY B 56 -10.77 -32.82 11.97
C GLY B 56 -11.77 -32.84 11.32
C GLY B 56 -11.59 -32.26 10.82
N LEU B 57 -12.96 -32.63 11.87
N LEU B 57 -12.13 -31.06 11.01
CA LEU B 57 -14.18 -32.53 11.07
CA LEU B 57 -12.81 -30.35 9.93
C LEU B 57 -14.35 -31.12 10.49
C LEU B 57 -11.78 -29.47 9.23
N VAL B 58 -13.36 -30.26 10.72
N VAL B 58 -12.07 -29.04 8.00
CA VAL B 58 -13.41 -28.88 10.25
CA VAL B 58 -11.09 -28.33 7.19
C VAL B 58 -12.11 -28.52 9.53
C VAL B 58 -11.12 -26.82 7.45
N TRP B 59 -11.06 -28.31 10.32
N TRP B 59 -10.00 -26.29 7.92
CA TRP B 59 -9.75 -27.95 9.78
CA TRP B 59 -9.85 -24.86 8.16
C TRP B 59 -8.94 -29.20 9.41
C TRP B 59 -9.20 -24.18 6.96
N LEU B 66 0.51 -22.68 12.42
CA LEU B 66 0.24 -21.84 13.59
C LEU B 66 1.42 -21.81 14.55
N PRO B 67 1.43 -20.84 15.46
CA PRO B 67 2.49 -20.79 16.47
C PRO B 67 2.40 -21.99 17.43
N PRO B 68 3.47 -22.25 18.20
CA PRO B 68 3.48 -23.35 19.18
C PRO B 68 2.30 -23.29 20.14
N TYR B 69 1.68 -24.44 20.39
CA TYR B 69 0.53 -24.52 21.27
C TYR B 69 0.87 -24.01 22.67
N LYS B 70 -0.07 -23.29 23.28
CA LYS B 70 0.09 -22.75 24.62
C LYS B 70 -1.04 -23.21 25.52
N GLU B 71 -2.27 -22.94 25.11
CA GLU B 71 -3.46 -23.35 25.85
C GLU B 71 -4.70 -23.14 24.99
N ILE B 72 -5.84 -23.59 25.48
CA ILE B 72 -7.09 -23.53 24.71
C ILE B 72 -7.46 -22.09 24.34
N SER B 73 -7.50 -21.20 25.33
CA SER B 73 -7.91 -19.82 25.09
C SER B 73 -7.00 -19.13 24.08
N VAL B 74 -5.69 -19.38 24.20
CA VAL B 74 -4.72 -18.80 23.29
C VAL B 74 -4.86 -19.40 21.89
N HIS B 75 -5.14 -20.69 21.84
CA HIS B 75 -5.32 -21.35 20.54
C HIS B 75 -6.49 -20.73 19.79
N VAL B 76 -7.61 -20.54 20.50
CA VAL B 76 -8.78 -19.90 19.92
C VAL B 76 -8.39 -18.51 19.43
N PHE B 77 -7.64 -17.79 20.24
CA PHE B 77 -7.18 -16.45 19.91
C PHE B 77 -6.34 -16.44 18.63
N TYR B 78 -5.55 -17.49 18.43
CA TYR B 78 -4.77 -17.62 17.20
C TYR B 78 -5.68 -17.85 16.01
N ARG B 79 -6.75 -18.62 16.21
CA ARG B 79 -7.73 -18.85 15.17
C ARG B 79 -8.51 -17.57 14.86
N CYS B 80 -8.69 -16.72 15.86
CA CYS B 80 -9.30 -15.42 15.65
C CYS B 80 -8.40 -14.57 14.74
N GLN B 81 -7.10 -14.57 15.04
CA GLN B 81 -6.13 -13.83 14.22
C GLN B 81 -6.11 -14.33 12.78
N CYS B 82 -6.24 -15.65 12.61
CA CYS B 82 -6.27 -16.25 11.29
C CYS B 82 -7.35 -15.63 10.41
N THR B 83 -8.53 -15.48 10.99
CA THR B 83 -9.67 -14.97 10.24
C THR B 83 -9.53 -13.48 9.97
N THR B 84 -9.07 -12.72 10.96
CA THR B 84 -8.96 -11.28 10.78
C THR B 84 -7.89 -10.96 9.73
N VAL B 85 -6.76 -11.67 9.78
CA VAL B 85 -5.69 -11.44 8.81
C VAL B 85 -6.16 -11.82 7.41
N GLU B 86 -6.87 -12.94 7.30
CA GLU B 86 -7.42 -13.37 6.02
C GLU B 86 -8.40 -12.32 5.49
N THR B 87 -9.19 -11.75 6.38
CA THR B 87 -10.22 -10.79 5.98
C THR B 87 -9.60 -9.43 5.62
N VAL B 88 -8.45 -9.11 6.22
CA VAL B 88 -7.73 -7.89 5.86
C VAL B 88 -7.22 -8.02 4.43
N ARG B 89 -6.76 -9.21 4.06
CA ARG B 89 -6.27 -9.46 2.71
C ARG B 89 -7.39 -9.28 1.69
N GLU B 90 -8.59 -9.77 2.02
CA GLU B 90 -9.73 -9.65 1.13
C GLU B 90 -10.20 -8.21 1.02
N LEU B 91 -10.19 -7.50 2.14
CA LEU B 91 -10.59 -6.09 2.17
C LEU B 91 -9.62 -5.24 1.36
N THR B 92 -8.34 -5.61 1.40
CA THR B 92 -7.32 -4.91 0.63
C THR B 92 -7.56 -5.09 -0.87
N GLU B 93 -7.88 -6.30 -1.28
CA GLU B 93 -8.14 -6.57 -2.69
C GLU B 93 -9.47 -5.97 -3.12
N PHE B 94 -10.43 -5.93 -2.20
CA PHE B 94 -11.71 -5.30 -2.45
C PHE B 94 -11.53 -3.80 -2.70
N ALA B 95 -10.75 -3.16 -1.86
CA ALA B 95 -10.46 -1.73 -1.99
C ALA B 95 -9.73 -1.44 -3.30
N LYS B 96 -8.71 -2.24 -3.59
CA LYS B 96 -7.90 -2.04 -4.80
C LYS B 96 -8.70 -2.33 -6.07
N SER B 97 -9.84 -3.01 -5.93
CA SER B 97 -10.74 -3.24 -7.06
C SER B 97 -11.67 -2.05 -7.27
N ILE B 98 -11.55 -1.04 -6.42
CA ILE B 98 -12.30 0.20 -6.57
C ILE B 98 -11.39 1.28 -7.19
N PRO B 99 -11.71 1.74 -8.41
CA PRO B 99 -10.84 2.71 -9.12
C PRO B 99 -10.51 3.96 -8.30
N SER B 100 -11.48 4.47 -7.55
CA SER B 100 -11.26 5.65 -6.72
C SER B 100 -10.18 5.40 -5.69
N PHE B 101 -10.19 4.21 -5.10
CA PHE B 101 -9.21 3.85 -4.09
C PHE B 101 -7.84 3.61 -4.71
N SER B 102 -7.81 2.91 -5.84
CA SER B 102 -6.56 2.59 -6.50
C SER B 102 -5.84 3.84 -7.01
N SER B 103 -6.60 4.90 -7.26
N SER B 103 -6.60 4.90 -7.26
CA SER B 103 -6.04 6.15 -7.77
CA SER B 103 -6.03 6.15 -7.76
C SER B 103 -5.26 6.89 -6.67
C SER B 103 -5.25 6.88 -6.68
N LEU B 104 -5.59 6.60 -5.43
CA LEU B 104 -4.90 7.21 -4.30
C LEU B 104 -3.44 6.75 -4.26
N PHE B 105 -2.58 7.59 -3.70
CA PHE B 105 -1.19 7.20 -3.52
C PHE B 105 -1.13 6.01 -2.56
N LEU B 106 -0.11 5.18 -2.74
CA LEU B 106 -0.04 3.91 -2.02
C LEU B 106 -0.03 4.09 -0.50
N ASN B 107 0.64 5.14 -0.02
CA ASN B 107 0.70 5.37 1.42
C ASN B 107 -0.65 5.76 2.01
N ASP B 108 -1.48 6.45 1.23
CA ASP B 108 -2.84 6.77 1.67
C ASP B 108 -3.72 5.53 1.71
N GLN B 109 -3.50 4.62 0.77
CA GLN B 109 -4.22 3.36 0.74
C GLN B 109 -3.96 2.56 2.02
N VAL B 110 -2.71 2.56 2.47
CA VAL B 110 -2.32 1.82 3.67
C VAL B 110 -2.92 2.47 4.91
N THR B 111 -2.93 3.79 4.96
CA THR B 111 -3.49 4.51 6.10
C THR B 111 -4.97 4.17 6.25
N LEU B 112 -5.70 4.20 5.14
CA LEU B 112 -7.13 3.91 5.16
C LEU B 112 -7.40 2.47 5.59
N LEU B 113 -6.60 1.54 5.09
CA LEU B 113 -6.74 0.14 5.46
C LEU B 113 -6.36 -0.06 6.93
N LYS B 114 -5.24 0.52 7.34
CA LYS B 114 -4.77 0.38 8.72
C LYS B 114 -5.85 0.73 9.74
N TYR B 115 -6.51 1.86 9.53
CA TYR B 115 -7.47 2.36 10.51
C TYR B 115 -8.91 1.97 10.16
N GLY B 116 -9.09 1.35 9.01
CA GLY B 116 -10.42 1.01 8.53
C GLY B 116 -10.82 -0.46 8.60
N VAL B 117 -9.85 -1.36 8.48
CA VAL B 117 -10.18 -2.78 8.28
C VAL B 117 -10.97 -3.40 9.44
N HIS B 118 -10.65 -3.03 10.67
CA HIS B 118 -11.31 -3.64 11.81
C HIS B 118 -12.76 -3.20 11.93
N GLU B 119 -13.03 -1.93 11.64
CA GLU B 119 -14.42 -1.46 11.56
C GLU B 119 -15.15 -2.27 10.50
N ALA B 120 -14.51 -2.44 9.35
CA ALA B 120 -15.11 -3.19 8.25
C ALA B 120 -15.32 -4.66 8.63
N ILE B 121 -14.32 -5.25 9.30
CA ILE B 121 -14.40 -6.66 9.68
C ILE B 121 -15.57 -6.92 10.63
N PHE B 122 -15.70 -6.08 11.65
CA PHE B 122 -16.74 -6.28 12.65
C PHE B 122 -18.13 -6.07 12.04
N ALA B 123 -18.21 -5.20 11.03
CA ALA B 123 -19.47 -4.94 10.37
C ALA B 123 -19.87 -6.11 9.48
N MET B 124 -18.94 -6.56 8.64
CA MET B 124 -19.29 -7.52 7.61
C MET B 124 -19.35 -8.95 8.13
N LEU B 125 -18.54 -9.27 9.15
CA LEU B 125 -18.57 -10.61 9.73
C LEU B 125 -19.68 -10.73 10.76
N ALA B 126 -20.45 -9.65 10.95
CA ALA B 126 -21.65 -9.74 11.77
C ALA B 126 -22.64 -10.72 11.14
N SER B 127 -22.52 -10.93 9.83
N SER B 127 -22.52 -10.94 9.84
CA SER B 127 -23.44 -11.78 9.10
CA SER B 127 -23.46 -11.79 9.11
C SER B 127 -23.25 -13.27 9.44
C SER B 127 -23.16 -13.28 9.24
N ILE B 128 -22.06 -13.63 9.89
CA ILE B 128 -21.77 -15.04 10.21
C ILE B 128 -22.09 -15.32 11.68
N VAL B 129 -22.68 -14.33 12.35
CA VAL B 129 -22.99 -14.41 13.76
C VAL B 129 -24.50 -14.47 14.00
N ASN B 130 -24.92 -15.26 14.98
CA ASN B 130 -26.25 -15.13 15.56
C ASN B 130 -26.11 -15.09 17.07
N LYS B 131 -27.23 -15.06 17.79
CA LYS B 131 -27.19 -14.92 19.24
C LYS B 131 -26.52 -16.11 19.92
N ASP B 132 -26.46 -17.25 19.23
CA ASP B 132 -25.95 -18.49 19.83
C ASP B 132 -24.48 -18.76 19.52
N GLY B 133 -23.94 -18.11 18.49
CA GLY B 133 -22.55 -18.31 18.11
C GLY B 133 -22.25 -17.79 16.73
N LEU B 134 -21.18 -18.30 16.12
CA LEU B 134 -20.80 -17.86 14.78
C LEU B 134 -20.16 -18.96 13.97
N LEU B 135 -20.14 -18.78 12.65
CA LEU B 135 -19.55 -19.74 11.73
C LEU B 135 -18.03 -19.63 11.70
N VAL B 136 -17.37 -20.77 11.59
CA VAL B 136 -15.92 -20.81 11.42
C VAL B 136 -15.55 -21.74 10.27
N ALA B 137 -14.35 -21.58 9.75
CA ALA B 137 -13.80 -22.47 8.73
C ALA B 137 -14.70 -22.57 7.49
N ASN B 138 -14.92 -21.44 6.84
CA ASN B 138 -15.72 -21.38 5.61
C ASN B 138 -17.12 -21.97 5.80
N GLY B 139 -17.61 -21.93 7.03
CA GLY B 139 -18.95 -22.40 7.34
C GLY B 139 -19.02 -23.89 7.67
N SER B 140 -17.86 -24.54 7.75
CA SER B 140 -17.81 -25.96 8.09
C SER B 140 -18.07 -26.19 9.56
N GLY B 141 -17.89 -25.16 10.37
CA GLY B 141 -18.06 -25.24 11.81
C GLY B 141 -18.85 -24.09 12.38
N PHE B 142 -19.37 -24.30 13.59
CA PHE B 142 -20.13 -23.29 14.30
C PHE B 142 -19.74 -23.29 15.77
N VAL B 143 -19.07 -22.23 16.20
CA VAL B 143 -18.60 -22.14 17.58
C VAL B 143 -19.64 -21.42 18.44
N THR B 144 -20.03 -22.04 19.54
CA THR B 144 -21.08 -21.49 20.39
C THR B 144 -20.57 -20.27 21.17
N ARG B 145 -21.46 -19.31 21.35
CA ARG B 145 -21.19 -18.12 22.14
C ARG B 145 -20.83 -18.51 23.57
N GLU B 146 -21.49 -19.54 24.09
CA GLU B 146 -21.23 -20.02 25.44
C GLU B 146 -19.79 -20.48 25.61
N PHE B 147 -19.30 -21.26 24.66
CA PHE B 147 -17.93 -21.75 24.70
C PHE B 147 -16.92 -20.61 24.70
N LEU B 148 -17.19 -19.57 23.89
CA LEU B 148 -16.30 -18.42 23.81
C LEU B 148 -16.32 -17.63 25.12
N ARG B 149 -17.49 -17.55 25.73
CA ARG B 149 -17.64 -16.89 27.03
C ARG B 149 -16.90 -17.64 28.13
N SER B 150 -16.76 -18.96 27.96
CA SER B 150 -16.13 -19.80 28.98
C SER B 150 -14.61 -19.68 28.95
N LEU B 151 -14.07 -19.02 27.92
CA LEU B 151 -12.64 -18.78 27.87
C LEU B 151 -12.26 -17.83 29.00
N ARG B 152 -11.02 -17.92 29.46
CA ARG B 152 -10.58 -17.05 30.54
C ARG B 152 -10.35 -15.65 30.00
N LYS B 153 -10.50 -14.66 30.87
CA LYS B 153 -10.18 -13.29 30.51
C LYS B 153 -8.67 -13.23 30.25
N PRO B 154 -8.24 -12.30 29.40
CA PRO B 154 -9.01 -11.26 28.71
C PRO B 154 -9.65 -11.70 27.40
N PHE B 155 -9.61 -12.99 27.10
CA PHE B 155 -10.05 -13.46 25.78
C PHE B 155 -11.57 -13.51 25.64
N SER B 156 -12.28 -13.77 26.74
CA SER B 156 -13.73 -13.76 26.72
C SER B 156 -14.24 -12.31 26.67
N ASP B 157 -13.47 -11.40 27.25
CA ASP B 157 -13.83 -9.98 27.27
C ASP B 157 -13.76 -9.34 25.89
N ILE B 158 -12.83 -9.79 25.07
CA ILE B 158 -12.60 -9.18 23.77
C ILE B 158 -13.57 -9.74 22.71
N ILE B 159 -14.23 -10.83 23.04
CA ILE B 159 -15.15 -11.50 22.11
C ILE B 159 -16.60 -11.06 22.30
N GLU B 160 -17.05 -10.96 23.54
CA GLU B 160 -18.47 -10.75 23.83
C GLU B 160 -19.07 -9.47 23.22
N PRO B 161 -18.34 -8.35 23.26
CA PRO B 161 -18.91 -7.10 22.72
C PRO B 161 -19.26 -7.19 21.23
N LYS B 162 -18.54 -8.03 20.48
CA LYS B 162 -18.78 -8.18 19.05
C LYS B 162 -20.10 -8.87 18.78
N PHE B 163 -20.50 -9.77 19.68
CA PHE B 163 -21.79 -10.44 19.57
C PHE B 163 -22.92 -9.44 19.75
N GLU B 164 -22.80 -8.57 20.74
CA GLU B 164 -23.82 -7.58 21.02
C GLU B 164 -24.04 -6.68 19.81
N PHE B 165 -22.95 -6.21 19.22
CA PHE B 165 -23.02 -5.37 18.04
C PHE B 165 -23.62 -6.13 16.87
N ALA B 166 -23.13 -7.36 16.66
CA ALA B 166 -23.51 -8.16 15.49
C ALA B 166 -25.02 -8.40 15.44
N VAL B 167 -25.60 -8.81 16.57
CA VAL B 167 -27.03 -9.13 16.61
C VAL B 167 -27.87 -7.89 16.34
N LYS B 168 -27.47 -6.76 16.91
CA LYS B 168 -28.19 -5.51 16.68
C LYS B 168 -28.01 -5.03 15.25
N PHE B 169 -26.86 -5.34 14.67
CA PHE B 169 -26.57 -4.93 13.29
C PHE B 169 -27.34 -5.79 12.29
N ASN B 170 -27.41 -7.10 12.55
CA ASN B 170 -28.14 -8.02 11.68
C ASN B 170 -29.64 -7.73 11.67
N ALA B 171 -30.10 -7.05 12.72
CA ALA B 171 -31.51 -6.69 12.83
C ALA B 171 -31.93 -5.70 11.75
N LEU B 172 -30.96 -5.00 11.17
CA LEU B 172 -31.24 -4.05 10.09
C LEU B 172 -31.52 -4.79 8.78
N GLU B 173 -31.12 -6.05 8.73
CA GLU B 173 -31.41 -6.92 7.58
C GLU B 173 -30.86 -6.39 6.27
N LEU B 174 -29.59 -5.99 6.27
CA LEU B 174 -28.94 -5.58 5.04
C LEU B 174 -28.62 -6.80 4.18
N ASP B 175 -28.54 -6.61 2.87
CA ASP B 175 -28.06 -7.67 1.98
C ASP B 175 -26.66 -7.31 1.50
N ASP B 176 -26.09 -8.16 0.64
CA ASP B 176 -24.71 -7.99 0.20
C ASP B 176 -24.49 -6.69 -0.57
N SER B 177 -25.49 -6.27 -1.33
CA SER B 177 -25.39 -5.02 -2.10
C SER B 177 -25.31 -3.82 -1.16
N ASP B 178 -26.10 -3.85 -0.10
CA ASP B 178 -26.05 -2.79 0.91
C ASP B 178 -24.70 -2.79 1.61
N LEU B 179 -24.25 -3.97 2.03
N LEU B 179 -24.25 -3.98 2.02
CA LEU B 179 -23.01 -4.11 2.79
CA LEU B 179 -23.03 -4.12 2.79
C LEU B 179 -21.80 -3.64 1.99
C LEU B 179 -21.81 -3.65 2.00
N ALA B 180 -21.81 -3.91 0.69
CA ALA B 180 -20.69 -3.53 -0.17
C ALA B 180 -20.43 -2.03 -0.13
N LEU B 181 -21.51 -1.25 -0.19
CA LEU B 181 -21.40 0.20 -0.14
C LEU B 181 -21.02 0.66 1.27
N PHE B 182 -21.60 -0.01 2.27
CA PHE B 182 -21.32 0.32 3.67
C PHE B 182 -19.84 0.16 3.99
N ILE B 183 -19.28 -1.00 3.62
CA ILE B 183 -17.86 -1.27 3.86
C ILE B 183 -16.99 -0.26 3.10
N ALA B 184 -17.34 0.01 1.85
CA ALA B 184 -16.60 0.98 1.06
C ALA B 184 -16.53 2.32 1.77
N ALA B 185 -17.64 2.73 2.37
CA ALA B 185 -17.72 4.00 3.07
C ALA B 185 -16.84 3.99 4.33
N ILE B 186 -16.69 2.83 4.94
CA ILE B 186 -15.86 2.69 6.13
C ILE B 186 -14.37 2.84 5.78
N ILE B 187 -13.95 2.20 4.69
CA ILE B 187 -12.53 2.24 4.29
C ILE B 187 -12.16 3.64 3.81
N LEU B 188 -12.96 4.18 2.91
CA LEU B 188 -12.70 5.52 2.38
C LEU B 188 -13.27 6.55 3.34
N CYS B 189 -12.52 6.80 4.41
CA CYS B 189 -12.91 7.74 5.46
C CYS B 189 -11.83 8.81 5.59
N GLY B 190 -12.24 10.07 5.53
CA GLY B 190 -11.29 11.17 5.54
C GLY B 190 -10.76 11.52 6.92
N ASP B 191 -11.23 10.83 7.95
CA ASP B 191 -10.86 11.14 9.32
C ASP B 191 -9.62 10.38 9.80
N ARG B 192 -9.13 9.44 9.00
CA ARG B 192 -8.02 8.59 9.44
C ARG B 192 -6.76 9.42 9.69
N PRO B 193 -6.06 9.15 10.81
CA PRO B 193 -4.86 9.94 11.11
C PRO B 193 -3.76 9.78 10.07
N GLY B 194 -3.09 10.89 9.75
CA GLY B 194 -1.95 10.87 8.87
C GLY B 194 -2.30 10.78 7.40
N LEU B 195 -3.57 10.93 7.06
CA LEU B 195 -3.98 10.95 5.66
C LEU B 195 -3.30 12.10 4.93
N MET B 196 -2.91 11.84 3.69
CA MET B 196 -2.17 12.82 2.91
C MET B 196 -3.14 13.72 2.12
N ASN B 197 -3.96 13.09 1.29
CA ASN B 197 -4.93 13.81 0.47
C ASN B 197 -6.33 13.73 1.05
N VAL B 198 -6.56 14.49 2.12
CA VAL B 198 -7.84 14.44 2.84
C VAL B 198 -9.03 14.87 1.96
N PRO B 199 -8.89 15.98 1.22
CA PRO B 199 -10.04 16.42 0.40
C PRO B 199 -10.48 15.38 -0.62
N ARG B 200 -9.52 14.68 -1.22
CA ARG B 200 -9.83 13.65 -2.20
C ARG B 200 -10.61 12.49 -1.57
N VAL B 201 -10.14 12.03 -0.41
CA VAL B 201 -10.79 10.91 0.26
C VAL B 201 -12.19 11.31 0.74
N GLU B 202 -12.31 12.52 1.27
CA GLU B 202 -13.60 13.02 1.72
C GLU B 202 -14.59 13.09 0.56
N ALA B 203 -14.09 13.47 -0.62
CA ALA B 203 -14.92 13.55 -1.81
C ALA B 203 -15.42 12.16 -2.22
N ILE B 204 -14.52 11.18 -2.21
CA ILE B 204 -14.88 9.81 -2.53
C ILE B 204 -15.89 9.27 -1.52
N GLN B 205 -15.64 9.53 -0.24
CA GLN B 205 -16.53 9.10 0.82
C GLN B 205 -17.94 9.65 0.63
N ASP B 206 -18.02 10.94 0.32
CA ASP B 206 -19.31 11.61 0.11
C ASP B 206 -20.06 10.96 -1.04
N THR B 207 -19.34 10.62 -2.10
CA THR B 207 -19.95 9.97 -3.26
C THR B 207 -20.50 8.60 -2.90
N ILE B 208 -19.77 7.85 -2.07
CA ILE B 208 -20.21 6.53 -1.65
C ILE B 208 -21.45 6.63 -0.79
N LEU B 209 -21.48 7.61 0.11
CA LEU B 209 -22.61 7.79 1.01
C LEU B 209 -23.86 8.22 0.24
N ARG B 210 -23.69 9.04 -0.79
CA ARG B 210 -24.78 9.40 -1.67
C ARG B 210 -25.27 8.16 -2.41
N ALA B 211 -24.34 7.37 -2.92
CA ALA B 211 -24.66 6.12 -3.59
C ALA B 211 -25.41 5.19 -2.64
N LEU B 212 -25.02 5.22 -1.36
CA LEU B 212 -25.62 4.36 -0.36
C LEU B 212 -27.07 4.76 -0.07
N GLU B 213 -27.32 6.06 0.10
CA GLU B 213 -28.68 6.52 0.36
C GLU B 213 -29.59 6.20 -0.81
N PHE B 214 -29.09 6.41 -2.03
CA PHE B 214 -29.86 6.11 -3.23
C PHE B 214 -30.18 4.62 -3.28
N HIS B 215 -29.16 3.80 -3.06
CA HIS B 215 -29.33 2.35 -3.12
C HIS B 215 -30.35 1.84 -2.10
N LEU B 216 -30.28 2.37 -0.88
CA LEU B 216 -31.17 1.93 0.20
C LEU B 216 -32.61 2.29 -0.09
N GLN B 217 -32.83 3.47 -0.67
CA GLN B 217 -34.17 3.91 -1.04
C GLN B 217 -34.82 2.93 -2.01
N ALA B 218 -34.00 2.40 -2.92
CA ALA B 218 -34.49 1.49 -3.94
C ALA B 218 -34.60 0.06 -3.41
N ASN B 219 -33.60 -0.35 -2.64
CA ASN B 219 -33.52 -1.72 -2.14
C ASN B 219 -34.36 -1.94 -0.88
N HIS B 220 -34.55 -0.88 -0.10
CA HIS B 220 -35.36 -0.93 1.11
C HIS B 220 -36.35 0.23 1.13
N PRO B 221 -37.37 0.17 0.26
CA PRO B 221 -38.31 1.29 0.10
C PRO B 221 -39.14 1.59 1.36
N ASP B 222 -39.35 0.58 2.19
CA ASP B 222 -40.17 0.73 3.39
C ASP B 222 -39.35 1.00 4.65
N ALA B 223 -38.02 1.06 4.49
CA ALA B 223 -37.14 1.35 5.61
C ALA B 223 -36.67 2.80 5.56
N GLN B 224 -37.48 3.69 6.10
CA GLN B 224 -37.22 5.13 6.02
C GLN B 224 -35.92 5.54 6.72
N TYR B 225 -35.80 5.19 7.99
CA TYR B 225 -34.70 5.67 8.83
C TYR B 225 -33.43 4.84 8.67
N LEU B 226 -33.35 4.02 7.63
CA LEU B 226 -32.25 3.08 7.49
C LEU B 226 -30.91 3.77 7.26
N PHE B 227 -30.91 4.87 6.50
CA PHE B 227 -29.65 5.55 6.20
C PHE B 227 -29.04 6.20 7.45
N PRO B 228 -29.84 7.01 8.19
CA PRO B 228 -29.27 7.58 9.42
C PRO B 228 -28.92 6.53 10.46
N LYS B 229 -29.61 5.39 10.46
CA LYS B 229 -29.28 4.30 11.35
C LYS B 229 -27.88 3.76 11.05
N LEU B 230 -27.57 3.60 9.77
CA LEU B 230 -26.26 3.10 9.36
C LEU B 230 -25.15 4.10 9.64
N LEU B 231 -25.45 5.39 9.53
CA LEU B 231 -24.48 6.41 9.90
C LEU B 231 -24.14 6.28 11.38
N GLN B 232 -25.16 5.96 12.18
CA GLN B 232 -24.97 5.74 13.60
C GLN B 232 -24.15 4.47 13.86
N LYS B 233 -24.35 3.45 13.03
CA LYS B 233 -23.60 2.20 13.18
C LYS B 233 -22.12 2.43 12.90
N MET B 234 -21.82 3.34 11.99
CA MET B 234 -20.43 3.69 11.70
C MET B 234 -19.78 4.33 12.92
N ALA B 235 -20.55 5.15 13.63
CA ALA B 235 -20.09 5.76 14.87
C ALA B 235 -19.86 4.68 15.94
N ASP B 236 -20.80 3.74 16.02
CA ASP B 236 -20.70 2.65 17.00
C ASP B 236 -19.48 1.79 16.72
N LEU B 237 -19.23 1.53 15.44
CA LEU B 237 -18.08 0.73 15.02
C LEU B 237 -16.77 1.37 15.47
N ARG B 238 -16.69 2.69 15.38
CA ARG B 238 -15.50 3.41 15.81
C ARG B 238 -15.25 3.22 17.30
N GLN B 239 -16.32 3.24 18.09
CA GLN B 239 -16.22 3.02 19.52
C GLN B 239 -15.89 1.56 19.82
N LEU B 240 -16.50 0.65 19.05
CA LEU B 240 -16.25 -0.77 19.21
C LEU B 240 -14.79 -1.10 18.95
N VAL B 241 -14.24 -0.52 17.88
CA VAL B 241 -12.86 -0.77 17.50
C VAL B 241 -11.89 -0.12 18.48
N THR B 242 -12.25 1.05 19.00
CA THR B 242 -11.43 1.73 19.99
C THR B 242 -11.30 0.87 21.24
N GLU B 243 -12.42 0.33 21.70
CA GLU B 243 -12.42 -0.53 22.87
C GLU B 243 -11.66 -1.83 22.58
N HIS B 244 -11.76 -2.31 21.34
CA HIS B 244 -11.04 -3.50 20.94
C HIS B 244 -9.53 -3.27 20.96
N ALA B 245 -9.10 -2.12 20.45
CA ALA B 245 -7.69 -1.77 20.45
C ALA B 245 -7.16 -1.65 21.87
N GLN B 246 -7.98 -1.12 22.76
CA GLN B 246 -7.61 -0.98 24.16
C GLN B 246 -7.40 -2.35 24.81
N MET B 247 -8.29 -3.28 24.48
CA MET B 247 -8.20 -4.63 25.03
C MET B 247 -7.02 -5.40 24.44
N MET B 248 -6.68 -5.11 23.19
CA MET B 248 -5.53 -5.75 22.55
C MET B 248 -4.23 -5.28 23.22
N GLN B 249 -4.22 -4.03 23.67
CA GLN B 249 -3.07 -3.48 24.38
C GLN B 249 -2.86 -4.21 25.70
N ARG B 250 -3.95 -4.57 26.35
CA ARG B 250 -3.87 -5.31 27.60
C ARG B 250 -3.36 -6.73 27.37
N ILE B 251 -3.76 -7.32 26.25
CA ILE B 251 -3.29 -8.67 25.90
C ILE B 251 -1.79 -8.64 25.63
N LYS B 252 -1.33 -7.64 24.88
CA LYS B 252 0.09 -7.47 24.61
C LYS B 252 0.86 -7.27 25.90
N LYS B 253 0.25 -6.58 26.85
CA LYS B 253 0.89 -6.28 28.13
C LYS B 253 0.96 -7.50 29.03
N THR B 254 -0.16 -8.17 29.22
CA THR B 254 -0.31 -9.18 30.26
C THR B 254 -0.18 -10.64 29.77
N GLU B 255 -0.45 -10.88 28.49
CA GLU B 255 -0.35 -12.24 27.94
C GLU B 255 0.97 -12.38 27.17
N THR B 256 2.06 -12.48 27.91
CA THR B 256 3.40 -12.44 27.34
C THR B 256 3.71 -13.63 26.42
N GLU B 257 3.06 -14.76 26.66
CA GLU B 257 3.30 -15.96 25.86
C GLU B 257 2.46 -15.99 24.58
N THR B 258 1.54 -15.03 24.45
CA THR B 258 0.64 -15.00 23.31
C THR B 258 1.26 -14.24 22.14
N SER B 259 1.37 -14.90 20.99
CA SER B 259 1.95 -14.29 19.81
C SER B 259 0.92 -13.44 19.07
N LEU B 260 1.41 -12.48 18.30
CA LEU B 260 0.56 -11.64 17.47
C LEU B 260 1.13 -11.62 16.06
N HIS B 261 0.28 -11.91 15.08
CA HIS B 261 0.68 -11.91 13.67
C HIS B 261 1.34 -10.59 13.30
N PRO B 262 2.46 -10.62 12.55
CA PRO B 262 3.21 -9.41 12.21
C PRO B 262 2.35 -8.28 11.64
N LEU B 263 1.43 -8.62 10.74
CA LEU B 263 0.54 -7.64 10.14
C LEU B 263 -0.29 -6.92 11.20
N LEU B 264 -0.79 -7.67 12.17
CA LEU B 264 -1.59 -7.09 13.24
C LEU B 264 -0.73 -6.23 14.16
N GLN B 265 0.52 -6.62 14.35
CA GLN B 265 1.45 -5.81 15.13
C GLN B 265 1.59 -4.43 14.51
N GLU B 266 1.63 -4.38 13.18
CA GLU B 266 1.75 -3.13 12.44
C GLU B 266 0.49 -2.29 12.55
N ILE B 267 -0.66 -2.95 12.57
CA ILE B 267 -1.93 -2.24 12.72
C ILE B 267 -2.05 -1.64 14.12
N TYR B 268 -1.62 -2.40 15.13
CA TYR B 268 -1.70 -1.95 16.52
C TYR B 268 -0.38 -1.32 16.99
N LYS B 269 0.42 -0.86 16.03
CA LYS B 269 1.76 -0.32 16.33
C LYS B 269 1.70 0.88 17.26
C4 7UD C . 18.44 17.01 -10.61
C5 7UD C . 17.50 17.19 -9.62
C6 7UD C . 16.02 17.18 -9.94
C7 7UD C . 17.30 18.05 -6.02
C8 7UD C . 16.06 18.42 -5.24
C10 7UD C . 13.99 17.59 -4.13
C13 7UD C . 15.71 14.92 -10.84
C15 7UD C . 15.33 18.31 -12.64
C17 7UD C . 14.12 18.78 -13.12
C20 7UD C . 16.28 20.51 -12.88
C21 7UD C . 17.06 14.27 -11.08
C22 7UD C . 14.90 22.43 -13.72
C24 7UD C . 18.82 13.56 -12.58
C26 7UD C . 19.04 13.20 -10.21
C28 7UD C . 13.75 23.03 -14.24
O3 7UD C . 15.19 16.07 -13.24
C14 7UD C . 15.42 16.83 -12.32
C18 7UD C . 13.97 20.12 -13.45
C19 7UD C . 15.05 20.99 -13.34
C29 7UD C . 15.88 23.41 -13.66
O4 7UD C . 15.33 24.59 -14.13
C30 7UD C . 14.02 24.35 -14.48
C16 7UD C . 16.42 19.17 -12.54
N 7UD C . 15.72 16.35 -11.10
C27 7UD C . 17.80 13.79 -10.00
C25 7UD C . 19.55 13.08 -11.50
C23 7UD C . 17.58 14.15 -12.37
C3 7UD C . 19.80 17.02 -10.31
C2 7UD C . 20.20 17.24 -8.99
C1 7UD C . 19.26 17.44 -8.00
C 7UD C . 17.90 17.42 -8.31
O 7UD C . 16.95 17.62 -7.34
C9 7UD C . 15.06 17.28 -5.16
C11 7UD C . 12.78 16.68 -4.24
C12 7UD C . 13.08 15.30 -3.67
O1 7UD C . 12.54 14.31 -4.24
O2 7UD C . 13.80 15.19 -2.66
H3 7UD C . 18.13 16.82 -11.63
H5 7UD C . 15.47 16.79 -9.07
H4 7UD C . 15.67 18.20 -10.12
H7 7UD C . 17.97 18.90 -6.08
H6 7UD C . 17.83 17.24 -5.50
H8 7UD C . 16.34 18.72 -4.22
H9 7UD C . 15.59 19.28 -5.70
H13 7UD C . 14.42 17.51 -3.14
H12 7UD C . 13.66 18.63 -4.26
H16 7UD C . 15.41 14.73 -9.80
H17 7UD C . 14.97 14.43 -11.48
H19 7UD C . 13.27 18.11 -13.21
H21 7UD C . 17.12 21.18 -12.80
H23 7UD C . 19.21 13.46 -13.57
H25 7UD C . 19.61 12.83 -9.36
H27 7UD C . 12.80 22.53 -14.41
H20 7UD C . 13.02 20.49 -13.81
H28 7UD C . 16.89 23.27 -13.31
H29 7UD C . 13.33 25.09 -14.88
H18 7UD C . 17.37 18.80 -12.19
H26 7UD C . 17.40 13.88 -8.99
H24 7UD C . 20.51 12.61 -11.65
H22 7UD C . 17.01 14.51 -13.22
H2 7UD C . 20.54 16.87 -11.08
H1 7UD C . 21.26 17.26 -8.75
H 7UD C . 19.58 17.61 -6.98
H11 7UD C . 14.60 17.13 -6.14
H10 7UD C . 15.58 16.35 -4.90
H15 7UD C . 11.95 17.12 -3.71
H14 7UD C . 12.49 16.58 -5.29
C1 PEG D . 26.35 0.17 2.56
C1 PEG D . 25.69 -1.02 3.84
O1 PEG D . 25.78 0.85 3.67
O1 PEG D . 25.64 -1.51 5.16
C2 PEG D . 25.72 -1.22 2.43
C2 PEG D . 26.01 -2.17 2.88
O2 PEG D . 25.05 -1.31 1.18
O2 PEG D . 25.53 -1.84 1.58
C3 PEG D . 25.07 -2.62 0.59
C3 PEG D . 25.19 -2.99 0.77
C4 PEG D . 24.54 -2.55 -0.77
C4 PEG D . 24.81 -2.54 -0.56
O4 PEG D . 24.83 -3.73 -1.45
O4 PEG D . 24.60 -3.65 -1.38
H11 PEG D . 27.32 0.08 2.71
H11 PEG D . 24.83 -0.63 3.60
H12 PEG D . 26.19 0.69 1.74
H12 PEG D . 26.39 -0.33 3.78
HO1 PEG D . 25.95 0.40 4.40
HO1 PEG D . 25.46 -0.85 5.72
H21 PEG D . 26.41 -1.89 2.47
H21 PEG D . 25.57 -2.98 3.19
H22 PEG D . 25.08 -1.35 3.15
H22 PEG D . 26.97 -2.31 2.85
H31 PEG D . 25.99 -2.95 0.56
H31 PEG D . 24.44 -3.47 1.18
H32 PEG D . 24.52 -3.22 1.11
H32 PEG D . 25.95 -3.58 0.71
H41 PEG D . 24.96 -1.80 -1.24
H41 PEG D . 23.99 -2.03 -0.51
H42 PEG D . 23.60 -2.41 -0.74
H42 PEG D . 25.51 -1.99 -0.93
HO4 PEG D . 24.23 -3.88 -2.02
HO4 PEG D . 25.05 -3.57 -2.08
C1 PEG E . 3.93 19.01 -8.68
O1 PEG E . 3.92 17.63 -8.99
C2 PEG E . 5.10 19.33 -7.75
O2 PEG E . 5.16 20.72 -7.51
C3 PEG E . 5.82 21.09 -6.27
C4 PEG E . 4.82 21.24 -5.21
O4 PEG E . 5.45 21.65 -4.04
H11 PEG E . 3.09 19.25 -8.24
H12 PEG E . 4.02 19.52 -9.52
HO1 PEG E . 3.43 17.20 -8.40
H21 PEG E . 4.99 18.86 -6.91
H22 PEG E . 5.94 19.04 -8.16
H31 PEG E . 6.29 21.93 -6.39
H32 PEG E . 6.45 20.40 -6.02
H41 PEG E . 4.18 21.91 -5.48
H42 PEG E . 4.38 20.39 -5.07
HO4 PEG E . 4.87 21.78 -3.45
C1 PGO F . 32.90 -10.21 -3.90
C2 PGO F . 31.61 -10.47 -4.65
C3 PGO F . 31.32 -9.29 -5.55
O1 PGO F . 33.85 -9.64 -4.77
O2 PGO F . 30.55 -10.63 -3.75
H11 PGO F . 33.24 -11.05 -3.55
H12 PGO F . 32.72 -9.60 -3.16
H2 PGO F . 31.71 -11.28 -5.20
H31 PGO F . 30.35 -9.26 -5.74
H32 PGO F . 31.58 -8.47 -5.11
H33 PGO F . 31.80 -9.39 -6.39
HO1 PGO F . 34.53 -9.31 -4.29
HO2 PGO F . 29.79 -10.73 -4.19
C1 PGO G . 28.07 12.03 -23.21
C2 PGO G . 26.63 12.47 -23.35
C3 PGO G . 25.90 11.52 -24.28
O1 PGO G . 28.57 12.45 -21.96
O2 PGO G . 26.59 13.76 -23.88
H11 PGO G . 28.12 11.05 -23.26
H12 PGO G . 28.60 12.42 -23.92
H2 PGO G . 26.20 12.46 -22.47
H31 PGO G . 25.65 10.71 -23.79
H32 PGO G . 26.49 11.28 -25.03
H33 PGO G . 25.10 11.96 -24.62
HO1 PGO G . 29.15 11.85 -21.65
HO2 PGO G . 25.74 14.04 -23.93
C1 PEG H . 6.56 31.37 -11.87
O1 PEG H . 5.30 30.74 -12.01
C2 PEG H . 7.09 31.80 -13.25
O2 PEG H . 8.44 31.37 -13.39
C3 PEG H . 9.38 32.43 -13.65
C4 PEG H . 10.72 31.87 -13.76
O4 PEG H . 11.62 32.87 -14.14
H11 PEG H . 7.19 30.74 -11.45
H12 PEG H . 6.47 32.16 -11.29
HO1 PEG H . 5.08 30.36 -11.26
H21 PEG H . 7.05 32.77 -13.32
H22 PEG H . 6.55 31.39 -13.94
H31 PEG H . 9.35 33.09 -12.93
H32 PEG H . 9.15 32.87 -14.49
H41 PEG H . 10.99 31.51 -12.89
H42 PEG H . 10.72 31.17 -14.41
HO4 PEG H . 12.10 32.59 -14.76
C5 B7G I . 3.01 5.51 5.77
O5 B7G I . 3.48 6.31 4.64
C1 B7G I . 4.83 6.85 4.82
C2 B7G I . 4.95 7.63 6.11
C3 B7G I . 4.58 6.77 7.26
C4 B7G I . 3.21 6.22 7.11
C6 B7G I . 1.55 5.24 5.59
O1 B7G I . 5.14 7.66 3.73
C7 B7G I . 5.56 6.91 2.57
C8 B7G I . 5.65 7.85 1.35
C9 B7G I . 6.22 7.06 0.15
C10 B7G I . 5.07 6.51 -0.72
C11 B7G I . 5.65 5.97 -2.05
C12 B7G I . 4.57 5.12 -2.78
O2 B7G I . 6.28 8.11 6.28
O3 B7G I . 4.64 7.56 8.49
O4 B7G I . 2.97 5.28 8.17
O6 B7G I . 1.39 4.17 4.70
C13 B7G I . 3.36 6.00 -3.17
H5 B7G I . 3.49 4.66 5.79
H1 B7G I . 5.46 6.10 4.84
H2 B7G I . 4.34 8.40 6.08
H3 B7G I . 5.21 6.04 7.33
H4 B7G I . 2.56 6.95 7.19
H61 B7G I . 1.11 6.03 5.24
H62 B7G I . 1.14 5.00 6.46
H71 B7G I . 4.91 6.22 2.39
H72 B7G I . 6.44 6.50 2.75
H81 B7G I . 6.21 8.62 1.54
H82 B7G I . 4.74 8.16 1.13
H91 B7G I . 6.76 6.32 0.48
H92 B7G I . 6.79 7.65 -0.39
H101 B7G I . 4.60 5.80 -0.25
H102 B7G I . 4.44 7.24 -0.92
H111 B7G I . 5.94 6.72 -2.62
H112 B7G I . 6.41 5.39 -1.85
H121 B7G I . 4.28 4.40 -2.20
H122 B7G I . 4.96 4.75 -3.60
HO2 B7G I . 6.31 8.99 6.15
HO3 B7G I . 4.13 7.18 9.12
HO4 B7G I . 2.41 5.63 8.77
HO6 B7G I . 0.85 4.43 4.04
H131 B7G I . 3.65 6.70 -3.80
H132 B7G I . 2.67 5.43 -3.58
H133 B7G I . 3.00 6.41 -2.36
C5 B7G J . 3.38 1.61 7.56
O5 B7G J . 2.55 0.42 7.80
C1 B7G J . 1.69 0.54 8.99
C2 B7G J . 2.50 0.90 10.22
C3 B7G J . 3.28 2.14 10.01
C4 B7G J . 4.12 2.09 8.80
C6 B7G J . 4.37 1.29 6.49
O1 B7G J . 1.03 -0.67 9.18
C7 B7G J . -0.16 -0.79 8.39
C8 B7G J . -0.79 -2.18 8.58
C9 B7G J . -2.09 -2.26 7.75
C10 B7G J . -1.78 -2.86 6.35
C11 B7G J . -3.11 -3.21 5.63
C12 B7G J . -2.82 -3.68 4.19
O2 B7G J . 1.62 1.07 11.33
O3 B7G J . 4.14 2.37 11.17
O4 B7G J . 4.65 3.40 8.54
O6 B7G J . 3.73 1.34 5.24
C13 B7G J . -2.04 -5.00 4.18
H5 B7G J . 2.80 2.34 7.24
H1 B7G J . 1.04 1.24 8.84
H2 B7G J . 3.13 0.17 10.41
H3 B7G J . 2.66 2.88 9.93
H4 B7G J . 4.88 1.47 8.97
H61 B7G J . 5.09 1.93 6.51
H62 B7G J . 4.72 0.38 6.64
H71 B7G J . 0.07 -0.67 7.44
H72 B7G J . -0.81 -0.10 8.64
H81 B7G J . -0.98 -2.34 9.52
H82 B7G J . -0.16 -2.86 8.25
H91 B7G J . -2.47 -1.38 7.65
H92 B7G J . -2.74 -2.84 8.21
H101 B7G J . -1.28 -2.23 5.83
H102 B7G J . -1.25 -3.69 6.46
H111 B7G J . -3.58 -3.93 6.13
H112 B7G J . -3.67 -2.42 5.60
H121 B7G J . -2.29 -3.00 3.73
H122 B7G J . -3.66 -3.80 3.71
HO2 B7G J . 2.10 1.11 12.10
HO3 B7G J . 3.78 2.99 11.69
HO4 B7G J . 5.52 3.40 8.71
HO6 B7G J . 3.87 0.58 4.80
H131 B7G J . -2.59 -5.71 4.60
H132 B7G J . -1.22 -4.90 4.69
H133 B7G J . -1.83 -5.26 3.26
C4 7UD K . -15.09 -13.17 16.58
C5 7UD K . -13.73 -12.90 16.64
C6 7UD K . -12.78 -13.51 15.63
C7 7UD K . -11.27 -11.11 18.75
C8 7UD K . -9.76 -11.20 18.66
C10 7UD K . -7.70 -10.52 17.43
C13 7UD K . -13.65 -12.61 13.52
C15 7UD K . -13.51 -16.29 14.71
C17 7UD K . -12.70 -17.25 14.14
C20 7UD K . -13.83 -17.74 16.61
C21 7UD K . -15.02 -11.98 13.73
C22 7UD K . -12.74 -20.00 16.73
C24 7UD K . -17.42 -12.07 13.60
C26 7UD K . -16.34 -10.11 14.48
C28 7UD K . -11.96 -21.04 16.26
O3 7UD K . -14.30 -15.18 12.85
C14 7UD K . -13.77 -15.02 13.93
C18 7UD K . -12.44 -18.45 14.80
C19 7UD K . -13.00 -18.70 16.04
C29 7UD K . -13.26 -20.39 17.95
O4 7UD K . -12.80 -21.66 18.23
C30 7UD K . -11.99 -22.06 17.18
C16 7UD K . -14.09 -16.54 15.96
N 7UD K . -13.43 -13.80 14.36
C27 7UD K . -15.10 -10.71 14.27
C25 7UD K . -17.51 -10.79 14.14
C23 7UD K . -16.19 -12.66 13.39
C3 7UD K . -15.95 -12.60 17.52
C2 7UD K . -15.44 -11.78 18.52
C1 7UD K . -14.08 -11.52 18.57
C 7UD K . -13.22 -12.08 17.65
O 7UD K . -11.87 -11.85 17.68
C9 7UD K . -9.22 -10.65 17.34
C11 7UD K . -7.07 -10.18 16.09
C12 7UD K . -7.39 -8.77 15.67
O1 7UD K . -7.66 -8.56 14.48
O2 7UD K . -7.35 -7.85 16.52
H3 7UD K . -15.49 -13.80 15.81
H5 7UD K . -11.94 -12.82 15.46
H4 7UD K . -12.37 -14.44 16.03
H7 7UD K . -11.61 -11.49 19.70
H6 7UD K . -11.57 -10.05 18.67
H8 7UD K . -9.46 -12.25 18.76
H9 7UD K . -9.30 -10.65 19.49
H13 7UD K . -7.46 -9.73 18.16
H12 7UD K . -7.27 -11.46 17.81
H16 7UD K . -12.88 -11.88 13.73
H17 7UD K . -13.55 -12.90 12.46
H19 7UD K . -12.25 -17.07 13.17
H21 7UD K . -14.27 -17.93 17.58
H23 7UD K . -18.33 -12.60 13.34
H25 7UD K . -16.40 -9.12 14.90
H27 7UD K . -11.40 -21.05 15.32
H20 7UD K . -11.79 -19.19 14.34
H28 7UD K . -13.92 -19.81 18.58
H29 7UD K . -11.47 -23.01 17.10
H18 7UD K . -14.74 -15.79 16.41
H26 7UD K . -14.20 -10.18 14.55
H24 7UD K . -18.47 -10.33 14.31
H22 7UD K . -16.13 -13.65 12.97
H2 7UD K . -17.01 -12.80 17.47
H1 7UD K . -16.12 -11.34 19.25
H 7UD K . -13.69 -10.88 19.36
H11 7UD K . -9.48 -11.33 16.53
H10 7UD K . -9.67 -9.69 17.14
H15 7UD K . -7.45 -10.88 15.34
H14 7UD K . -5.99 -10.31 16.16
C1 PEG L . -1.75 -16.36 14.32
O1 PEG L . -0.40 -16.15 14.67
C2 PEG L . -1.83 -17.14 13.00
O2 PEG L . -2.27 -16.29 11.96
C3 PEG L . -2.14 -16.86 10.63
C4 PEG L . -2.63 -15.93 9.64
O4 PEG L . -2.10 -16.24 8.39
H11 PEG L . -2.20 -15.49 14.21
H12 PEG L . -2.20 -16.87 15.03
HO1 PEG L . -0.35 -15.88 15.51
H21 PEG L . -0.95 -17.49 12.78
H22 PEG L . -2.46 -17.88 13.10
H31 PEG L . -2.64 -17.68 10.58
H32 PEG L . -1.20 -17.04 10.45
H41 PEG L . -3.61 -15.99 9.59
H42 PEG L . -2.39 -15.03 9.88
HO4 PEG L . -2.66 -16.04 7.79
C1 PGO M . -5.97 1.37 14.20
C2 PGO M . -7.12 0.73 14.95
C3 PGO M . -7.62 1.68 16.01
O1 PGO M . -4.80 0.62 14.43
O2 PGO M . -6.66 -0.45 15.56
H11 PGO M . -5.84 2.29 14.52
H12 PGO M . -6.18 1.39 13.25
H2 PGO M . -7.84 0.52 14.33
H31 PGO M . -8.31 1.24 16.54
H32 PGO M . -7.99 2.48 15.59
H33 PGO M . -6.88 1.94 16.60
HO1 PGO M . -5.00 -0.24 14.44
HO2 PGO M . -6.92 -1.15 15.08
C1 PGO N . -19.08 8.94 9.26
C2 PGO N . -19.88 8.46 10.44
C3 PGO N . -21.24 9.14 10.43
O1 PGO N . -19.92 9.10 8.14
O2 PGO N . -19.21 8.80 11.64
H11 PGO N . -18.66 9.79 9.47
H12 PGO N . -18.38 8.28 9.06
H2 PGO N . -20.00 7.50 10.39
H31 PGO N . -21.82 8.69 9.80
H32 PGO N . -21.64 9.08 11.33
H33 PGO N . -21.13 10.08 10.18
HO1 PGO N . -19.57 8.67 7.44
HO2 PGO N . -19.53 8.31 12.31
C1 PGO O . -18.79 -11.78 4.97
C2 PGO O . -20.23 -11.83 4.52
C3 PGO O . -20.78 -10.44 4.40
O1 PGO O . -18.59 -12.75 5.99
O2 PGO O . -20.98 -12.57 5.46
H11 PGO O . -18.59 -10.90 5.32
H12 PGO O . -18.21 -11.97 4.22
H2 PGO O . -20.28 -12.27 3.65
H31 PGO O . -20.97 -10.08 5.29
H32 PGO O . -21.61 -10.44 3.88
H33 PGO O . -20.12 -9.86 3.96
HO1 PGO O . -18.63 -13.56 5.62
HO2 PGO O . -20.79 -13.43 5.38
#